data_3GDH
#
_entry.id   3GDH
#
_cell.length_a   156.248
_cell.length_b   156.248
_cell.length_c   100.309
_cell.angle_alpha   90.00
_cell.angle_beta   90.00
_cell.angle_gamma   120.00
#
_symmetry.space_group_name_H-M   'H 3'
#
loop_
_entity.id
_entity.type
_entity.pdbx_description
1 polymer 'Trimethylguanosine synthase homolog'
2 non-polymer "7-METHYL-GUANOSINE-5'-TRIPHOSPHATE"
3 non-polymer S-ADENOSYL-L-HOMOCYSTEINE
4 non-polymer R-1,2-PROPANEDIOL
5 non-polymer S-1,2-PROPANEDIOL
6 water water
#
_entity_poly.entity_id   1
_entity_poly.type   'polypeptide(L)'
_entity_poly.pdbx_seq_one_letter_code
;GPLGSEVKKKKNKKKNKKVNGLPPEIAAVPELAKYWAQRYRLFSRFDDGIKLDREGWFSVTPEKIAEHIAGRVSQSFKCD
VVVDAFCGVGGNTIQFALTGMRVIAIDIDPVKIALARNNAEVYGIADKIEFICGDFLLLASFLKADVVFLSPPWGGPDYA
TAETFDIRTMMSPDGFEIFRLSKKITNNIVYFLPRNADIDQVASLAGPGGQVEIEQNFLNNKLKTITAYFGDLIRRPASE
T
;
_entity_poly.pdbx_strand_id   A,B,C
#
loop_
_chem_comp.id
_chem_comp.type
_chem_comp.name
_chem_comp.formula
MGP non-polymer 7-METHYL-GUANOSINE-5'-TRIPHOSPHATE 'C11 H19 N5 O14 P3 1'
PGO non-polymer S-1,2-PROPANEDIOL 'C3 H8 O2'
PGR non-polymer R-1,2-PROPANEDIOL 'C3 H8 O2'
#
# COMPACT_ATOMS: atom_id res chain seq x y z
N LEU A 22 -22.33 35.98 -7.95
CA LEU A 22 -21.79 35.28 -9.12
C LEU A 22 -20.48 34.56 -8.84
N PRO A 23 -20.47 33.23 -9.03
CA PRO A 23 -19.22 32.48 -8.98
C PRO A 23 -18.19 33.10 -9.92
N PRO A 24 -16.90 32.94 -9.61
CA PRO A 24 -15.81 33.44 -10.47
C PRO A 24 -15.95 32.98 -11.93
N GLU A 25 -16.21 31.69 -12.13
CA GLU A 25 -16.35 31.16 -13.49
C GLU A 25 -17.48 31.88 -14.22
N ILE A 26 -18.59 32.10 -13.52
CA ILE A 26 -19.76 32.74 -14.11
C ILE A 26 -19.50 34.19 -14.46
N ALA A 27 -19.02 34.97 -13.49
CA ALA A 27 -18.78 36.39 -13.70
C ALA A 27 -17.73 36.64 -14.78
N ALA A 28 -16.83 35.68 -14.96
CA ALA A 28 -15.73 35.82 -15.91
C ALA A 28 -16.16 35.93 -17.36
N VAL A 29 -17.24 35.24 -17.73
CA VAL A 29 -17.63 35.18 -19.13
C VAL A 29 -19.13 35.42 -19.40
N PRO A 30 -19.42 36.30 -20.36
CA PRO A 30 -20.79 36.58 -20.83
C PRO A 30 -21.54 35.31 -21.23
N GLU A 31 -20.86 34.40 -21.93
CA GLU A 31 -21.52 33.19 -22.43
C GLU A 31 -22.01 32.23 -21.34
N LEU A 32 -21.53 32.41 -20.12
CA LEU A 32 -22.00 31.56 -19.02
C LEU A 32 -23.27 32.08 -18.36
N ALA A 33 -23.71 33.28 -18.73
CA ALA A 33 -24.90 33.87 -18.12
C ALA A 33 -26.16 32.99 -18.25
N LYS A 34 -26.36 32.34 -19.39
CA LYS A 34 -27.56 31.53 -19.55
C LYS A 34 -27.54 30.27 -18.69
N TYR A 35 -26.35 29.76 -18.40
CA TYR A 35 -26.24 28.59 -17.54
C TYR A 35 -26.53 28.98 -16.08
N TRP A 36 -25.99 30.12 -15.66
CA TRP A 36 -26.30 30.64 -14.33
C TRP A 36 -27.81 30.85 -14.16
N ALA A 37 -28.42 31.47 -15.16
CA ALA A 37 -29.86 31.74 -15.13
C ALA A 37 -30.65 30.45 -14.92
N GLN A 38 -30.17 29.36 -15.50
CA GLN A 38 -30.87 28.09 -15.41
C GLN A 38 -30.26 27.16 -14.34
N ARG A 39 -29.52 27.73 -13.39
CA ARG A 39 -28.82 26.92 -12.40
C ARG A 39 -29.72 25.91 -11.70
N TYR A 40 -30.98 26.29 -11.48
CA TYR A 40 -31.91 25.41 -10.79
C TYR A 40 -32.47 24.30 -11.66
N ARG A 41 -32.45 24.50 -12.98
CA ARG A 41 -32.80 23.43 -13.91
C ARG A 41 -31.62 22.48 -14.04
N LEU A 42 -30.42 22.99 -13.82
CA LEU A 42 -29.23 22.14 -13.81
C LEU A 42 -29.15 21.31 -12.53
N PHE A 43 -29.25 21.96 -11.38
CA PHE A 43 -29.31 21.25 -10.10
C PHE A 43 -30.38 21.89 -9.22
N SER A 44 -31.44 21.15 -8.91
CA SER A 44 -32.50 21.68 -8.04
C SER A 44 -31.96 22.08 -6.67
N ARG A 45 -30.97 21.35 -6.19
CA ARG A 45 -30.36 21.64 -4.88
C ARG A 45 -29.15 22.55 -5.01
N PHE A 46 -29.11 23.36 -6.07
CA PHE A 46 -27.94 24.18 -6.34
C PHE A 46 -27.46 25.02 -5.13
N ASP A 47 -28.39 25.60 -4.39
CA ASP A 47 -28.03 26.49 -3.28
C ASP A 47 -27.50 25.74 -2.03
N ASP A 48 -27.61 24.43 -2.04
CA ASP A 48 -27.09 23.61 -0.95
C ASP A 48 -25.58 23.39 -1.07
N GLY A 49 -24.94 24.13 -1.97
CA GLY A 49 -23.50 24.09 -2.09
C GLY A 49 -22.93 23.42 -3.33
N ILE A 50 -23.70 23.40 -4.41
CA ILE A 50 -23.23 22.81 -5.67
C ILE A 50 -22.12 23.64 -6.33
N LYS A 51 -21.13 22.96 -6.92
CA LYS A 51 -20.05 23.66 -7.61
C LYS A 51 -19.76 23.09 -9.00
N LEU A 52 -19.36 23.96 -9.92
CA LEU A 52 -19.00 23.56 -11.28
C LEU A 52 -17.87 24.44 -11.75
N ASP A 53 -17.11 23.97 -12.74
CA ASP A 53 -16.19 24.84 -13.45
C ASP A 53 -16.76 25.19 -14.83
N ARG A 54 -16.01 25.97 -15.60
N ARG A 54 -16.03 25.99 -15.61
CA ARG A 54 -16.45 26.44 -16.93
CA ARG A 54 -16.54 26.42 -16.91
C ARG A 54 -17.03 25.31 -17.79
C ARG A 54 -17.09 25.24 -17.71
N GLU A 55 -16.23 24.29 -18.05
CA GLU A 55 -16.66 23.14 -18.83
C GLU A 55 -17.81 22.41 -18.16
N GLY A 56 -17.77 22.34 -16.83
CA GLY A 56 -18.83 21.71 -16.08
C GLY A 56 -20.18 22.34 -16.40
N TRP A 57 -20.24 23.67 -16.38
CA TRP A 57 -21.48 24.38 -16.67
C TRP A 57 -22.00 24.05 -18.07
N PHE A 58 -21.12 24.11 -19.07
CA PHE A 58 -21.51 23.84 -20.46
C PHE A 58 -22.01 22.43 -20.67
N SER A 59 -21.53 21.49 -19.87
CA SER A 59 -21.70 20.07 -20.20
C SER A 59 -22.64 19.28 -19.32
N VAL A 60 -22.97 19.83 -18.15
CA VAL A 60 -23.75 19.07 -17.19
C VAL A 60 -25.16 18.79 -17.73
N THR A 61 -25.61 17.55 -17.57
CA THR A 61 -26.95 17.16 -17.98
C THR A 61 -27.96 17.78 -17.02
N PRO A 62 -28.95 18.54 -17.56
CA PRO A 62 -29.96 19.16 -16.70
C PRO A 62 -30.64 18.10 -15.86
N GLU A 63 -31.03 18.45 -14.64
CA GLU A 63 -31.52 17.46 -13.69
C GLU A 63 -32.75 16.66 -14.12
N LYS A 64 -33.74 17.31 -14.71
CA LYS A 64 -34.92 16.58 -15.13
C LYS A 64 -34.57 15.53 -16.18
N ILE A 65 -33.71 15.90 -17.13
CA ILE A 65 -33.26 14.96 -18.14
C ILE A 65 -32.43 13.81 -17.57
N ALA A 66 -31.52 14.12 -16.66
CA ALA A 66 -30.71 13.08 -16.00
C ALA A 66 -31.58 12.13 -15.18
N GLU A 67 -32.56 12.69 -14.49
CA GLU A 67 -33.51 11.88 -13.73
C GLU A 67 -34.29 10.95 -14.65
N HIS A 68 -34.74 11.49 -15.78
CA HIS A 68 -35.49 10.68 -16.75
C HIS A 68 -34.64 9.50 -17.25
N ILE A 69 -33.41 9.79 -17.65
CA ILE A 69 -32.51 8.75 -18.14
C ILE A 69 -32.27 7.68 -17.08
N ALA A 70 -32.04 8.12 -15.85
CA ALA A 70 -31.80 7.18 -14.76
C ALA A 70 -33.03 6.30 -14.53
N GLY A 71 -34.20 6.88 -14.69
CA GLY A 71 -35.44 6.13 -14.52
C GLY A 71 -35.56 5.05 -15.58
N ARG A 72 -35.27 5.41 -16.83
CA ARG A 72 -35.35 4.44 -17.90
C ARG A 72 -34.35 3.30 -17.70
N VAL A 73 -33.14 3.65 -17.26
CA VAL A 73 -32.11 2.64 -17.01
C VAL A 73 -32.55 1.68 -15.92
N SER A 74 -33.05 2.22 -14.82
CA SER A 74 -33.49 1.40 -13.70
C SER A 74 -34.75 0.60 -14.01
N GLN A 75 -35.33 0.84 -15.18
CA GLN A 75 -36.51 0.11 -15.62
C GLN A 75 -36.17 -1.01 -16.60
N SER A 76 -35.43 -0.68 -17.65
CA SER A 76 -35.26 -1.57 -18.79
C SER A 76 -33.94 -2.34 -18.85
N PHE A 77 -33.04 -2.11 -17.90
CA PHE A 77 -31.75 -2.81 -17.87
C PHE A 77 -31.47 -3.41 -16.50
N LYS A 78 -30.63 -4.44 -16.48
CA LYS A 78 -30.07 -4.90 -15.21
C LYS A 78 -29.27 -3.70 -14.73
N CYS A 79 -29.51 -3.28 -13.50
CA CYS A 79 -29.13 -1.93 -13.09
C CYS A 79 -28.34 -1.82 -11.78
N ASP A 80 -27.71 -2.90 -11.37
CA ASP A 80 -26.97 -2.87 -10.11
C ASP A 80 -25.74 -1.96 -10.21
N VAL A 81 -24.87 -2.26 -11.17
CA VAL A 81 -23.66 -1.46 -11.34
C VAL A 81 -23.62 -0.75 -12.69
N VAL A 82 -23.52 0.57 -12.65
CA VAL A 82 -23.42 1.37 -13.85
C VAL A 82 -22.11 2.15 -13.85
N VAL A 83 -21.43 2.13 -14.99
CA VAL A 83 -20.27 2.98 -15.19
C VAL A 83 -20.70 4.27 -15.87
N ASP A 84 -20.42 5.39 -15.21
CA ASP A 84 -20.55 6.70 -15.83
C ASP A 84 -19.17 7.09 -16.32
N ALA A 85 -18.92 6.81 -17.61
CA ALA A 85 -17.57 6.79 -18.16
C ALA A 85 -16.92 8.16 -18.33
N PHE A 86 -17.75 9.20 -18.46
CA PHE A 86 -17.29 10.56 -18.60
C PHE A 86 -18.17 11.40 -17.66
N CYS A 87 -17.96 11.23 -16.36
CA CYS A 87 -18.95 11.68 -15.39
C CYS A 87 -19.03 13.20 -15.17
N GLY A 88 -18.02 13.94 -15.64
CA GLY A 88 -18.01 15.39 -15.44
C GLY A 88 -18.29 15.82 -14.01
N VAL A 89 -19.24 16.75 -13.82
CA VAL A 89 -19.55 17.23 -12.47
C VAL A 89 -20.65 16.43 -11.77
N GLY A 90 -21.01 15.29 -12.34
CA GLY A 90 -21.89 14.35 -11.69
C GLY A 90 -23.39 14.45 -11.99
N GLY A 91 -23.77 15.26 -12.97
CA GLY A 91 -25.18 15.38 -13.33
C GLY A 91 -25.89 14.03 -13.42
N ASN A 92 -25.42 13.17 -14.33
CA ASN A 92 -25.96 11.83 -14.48
C ASN A 92 -25.61 10.89 -13.34
N THR A 93 -24.38 10.97 -12.87
CA THR A 93 -23.93 10.10 -11.77
C THR A 93 -24.88 10.20 -10.57
N ILE A 94 -25.17 11.42 -10.16
CA ILE A 94 -26.05 11.67 -9.03
C ILE A 94 -27.42 11.02 -9.21
N GLN A 95 -27.99 11.17 -10.40
CA GLN A 95 -29.32 10.64 -10.66
C GLN A 95 -29.34 9.11 -10.65
N PHE A 96 -28.31 8.49 -11.21
CA PHE A 96 -28.19 7.03 -11.12
C PHE A 96 -28.13 6.55 -9.66
N ALA A 97 -27.33 7.26 -8.86
CA ALA A 97 -27.18 6.88 -7.45
C ALA A 97 -28.49 7.03 -6.67
N LEU A 98 -29.27 8.06 -7.00
CA LEU A 98 -30.53 8.29 -6.30
C LEU A 98 -31.54 7.16 -6.53
N THR A 99 -31.39 6.42 -7.63
CA THR A 99 -32.27 5.29 -7.88
C THR A 99 -31.81 4.04 -7.16
N GLY A 100 -30.62 4.08 -6.59
CA GLY A 100 -30.11 2.96 -5.84
C GLY A 100 -29.11 2.10 -6.58
N MET A 101 -28.71 2.52 -7.77
CA MET A 101 -27.66 1.82 -8.50
C MET A 101 -26.30 2.15 -7.91
N ARG A 102 -25.38 1.18 -7.91
CA ARG A 102 -24.00 1.45 -7.55
CA ARG A 102 -24.00 1.43 -7.55
C ARG A 102 -23.30 2.01 -8.78
N VAL A 103 -22.67 3.17 -8.62
CA VAL A 103 -22.04 3.84 -9.75
C VAL A 103 -20.52 3.85 -9.66
N ILE A 104 -19.87 3.55 -10.78
CA ILE A 104 -18.45 3.84 -10.94
C ILE A 104 -18.29 5.08 -11.81
N ALA A 105 -17.89 6.19 -11.18
CA ALA A 105 -17.81 7.47 -11.87
C ALA A 105 -16.37 7.81 -12.30
N ILE A 106 -16.19 7.98 -13.61
CA ILE A 106 -14.87 8.15 -14.18
C ILE A 106 -14.74 9.47 -14.91
N ASP A 107 -13.68 10.21 -14.60
CA ASP A 107 -13.35 11.37 -15.40
C ASP A 107 -11.84 11.55 -15.48
N ILE A 108 -11.35 11.97 -16.65
CA ILE A 108 -9.92 12.14 -16.86
C ILE A 108 -9.38 13.39 -16.17
N ASP A 109 -10.27 14.32 -15.85
CA ASP A 109 -9.90 15.55 -15.18
C ASP A 109 -10.11 15.43 -13.66
N PRO A 110 -9.02 15.58 -12.88
CA PRO A 110 -9.12 15.46 -11.42
C PRO A 110 -10.03 16.54 -10.81
N VAL A 111 -10.05 17.71 -11.44
CA VAL A 111 -10.93 18.78 -10.98
C VAL A 111 -12.40 18.37 -11.09
N LYS A 112 -12.75 17.67 -12.16
CA LYS A 112 -14.13 17.20 -12.33
C LYS A 112 -14.51 16.23 -11.23
N ILE A 113 -13.58 15.32 -10.91
CA ILE A 113 -13.81 14.33 -9.85
C ILE A 113 -14.10 15.01 -8.51
N ALA A 114 -13.29 16.01 -8.18
CA ALA A 114 -13.49 16.79 -6.96
C ALA A 114 -14.86 17.46 -6.95
N LEU A 115 -15.24 18.06 -8.07
CA LEU A 115 -16.55 18.70 -8.19
C LEU A 115 -17.67 17.68 -8.04
N ALA A 116 -17.56 16.57 -8.78
CA ALA A 116 -18.55 15.50 -8.73
C ALA A 116 -18.71 14.93 -7.33
N ARG A 117 -17.60 14.76 -6.63
CA ARG A 117 -17.65 14.24 -5.26
C ARG A 117 -18.39 15.22 -4.33
N ASN A 118 -18.10 16.51 -4.48
CA ASN A 118 -18.80 17.53 -3.72
C ASN A 118 -20.30 17.55 -4.00
N ASN A 119 -20.67 17.46 -5.28
CA ASN A 119 -22.07 17.53 -5.65
C ASN A 119 -22.84 16.30 -5.21
N ALA A 120 -22.19 15.15 -5.25
CA ALA A 120 -22.83 13.91 -4.81
C ALA A 120 -23.14 13.97 -3.32
N GLU A 121 -22.25 14.60 -2.55
CA GLU A 121 -22.47 14.73 -1.12
C GLU A 121 -23.65 15.66 -0.86
N VAL A 122 -23.69 16.79 -1.56
CA VAL A 122 -24.82 17.70 -1.49
C VAL A 122 -26.14 16.98 -1.68
N TYR A 123 -26.16 15.97 -2.56
CA TYR A 123 -27.39 15.22 -2.84
C TYR A 123 -27.53 14.00 -1.94
N GLY A 124 -26.56 13.82 -1.03
CA GLY A 124 -26.64 12.78 -0.04
C GLY A 124 -26.43 11.35 -0.51
N ILE A 125 -25.78 11.16 -1.65
CA ILE A 125 -25.56 9.80 -2.15
C ILE A 125 -24.11 9.53 -2.56
N ALA A 126 -23.18 10.29 -2.01
CA ALA A 126 -21.77 10.08 -2.33
C ALA A 126 -21.35 8.63 -2.07
N ASP A 127 -21.88 8.06 -1.00
CA ASP A 127 -21.52 6.70 -0.57
CA ASP A 127 -21.48 6.71 -0.60
C ASP A 127 -21.95 5.63 -1.57
N LYS A 128 -22.74 6.01 -2.56
CA LYS A 128 -23.20 5.05 -3.56
C LYS A 128 -22.24 5.00 -4.74
N ILE A 129 -21.18 5.81 -4.67
CA ILE A 129 -20.31 6.01 -5.83
C ILE A 129 -18.85 5.73 -5.53
N GLU A 130 -18.14 5.13 -6.49
CA GLU A 130 -16.69 5.02 -6.44
C GLU A 130 -16.12 5.91 -7.55
N PHE A 131 -15.31 6.88 -7.17
CA PHE A 131 -14.80 7.86 -8.11
C PHE A 131 -13.40 7.49 -8.61
N ILE A 132 -13.21 7.58 -9.92
CA ILE A 132 -11.91 7.32 -10.54
C ILE A 132 -11.49 8.47 -11.42
N CYS A 133 -10.35 9.07 -11.10
CA CYS A 133 -9.70 9.95 -12.05
C CYS A 133 -8.87 9.07 -12.98
N GLY A 134 -9.26 9.00 -14.24
CA GLY A 134 -8.63 8.12 -15.20
C GLY A 134 -9.19 8.27 -16.61
N ASP A 135 -8.54 7.61 -17.57
CA ASP A 135 -8.90 7.65 -18.97
C ASP A 135 -9.80 6.46 -19.30
N PHE A 136 -11.06 6.72 -19.60
CA PHE A 136 -11.99 5.62 -19.84
C PHE A 136 -11.51 4.70 -20.95
N LEU A 137 -10.84 5.27 -21.94
CA LEU A 137 -10.38 4.49 -23.08
C LEU A 137 -9.41 3.38 -22.67
N LEU A 138 -8.68 3.64 -21.58
CA LEU A 138 -7.67 2.68 -21.11
C LEU A 138 -8.15 1.84 -19.93
N LEU A 139 -9.28 2.22 -19.33
CA LEU A 139 -9.87 1.48 -18.23
C LEU A 139 -10.92 0.47 -18.70
N ALA A 140 -11.62 0.83 -19.77
CA ALA A 140 -12.78 0.07 -20.25
C ALA A 140 -12.55 -1.43 -20.38
N SER A 141 -11.44 -1.83 -21.00
CA SER A 141 -11.16 -3.24 -21.25
C SER A 141 -11.06 -4.08 -19.97
N PHE A 142 -10.96 -3.42 -18.83
CA PHE A 142 -10.79 -4.12 -17.57
C PHE A 142 -11.86 -3.72 -16.56
N LEU A 143 -12.96 -3.19 -17.08
CA LEU A 143 -14.11 -2.85 -16.24
C LEU A 143 -15.22 -3.88 -16.38
N LYS A 144 -15.99 -4.05 -15.32
CA LYS A 144 -17.12 -4.97 -15.35
C LYS A 144 -18.34 -4.27 -14.78
N ALA A 145 -19.43 -4.27 -15.52
CA ALA A 145 -20.65 -3.61 -15.07
C ALA A 145 -21.87 -4.05 -15.89
N ASP A 146 -23.05 -3.71 -15.40
CA ASP A 146 -24.29 -4.06 -16.09
C ASP A 146 -24.62 -3.05 -17.17
N VAL A 147 -24.39 -1.78 -16.86
CA VAL A 147 -24.69 -0.70 -17.81
C VAL A 147 -23.52 0.26 -17.92
N VAL A 148 -23.24 0.71 -19.14
CA VAL A 148 -22.31 1.80 -19.36
C VAL A 148 -23.04 3.03 -19.90
N PHE A 149 -22.89 4.15 -19.21
CA PHE A 149 -23.44 5.41 -19.65
C PHE A 149 -22.36 6.31 -20.22
N LEU A 150 -22.59 6.82 -21.43
CA LEU A 150 -21.60 7.60 -22.17
C LEU A 150 -22.04 9.06 -22.41
N SER A 151 -21.41 9.99 -21.71
CA SER A 151 -21.64 11.40 -21.95
C SER A 151 -20.33 12.16 -22.22
N PRO A 152 -19.65 11.84 -23.32
CA PRO A 152 -18.32 12.37 -23.67
C PRO A 152 -18.30 13.85 -24.05
N PRO A 153 -17.10 14.44 -24.18
CA PRO A 153 -16.99 15.81 -24.68
C PRO A 153 -17.42 15.88 -26.14
N TRP A 154 -18.17 16.91 -26.51
CA TRP A 154 -18.61 17.09 -27.88
C TRP A 154 -17.81 18.17 -28.59
N GLY A 155 -17.00 18.93 -27.85
CA GLY A 155 -16.21 19.99 -28.45
C GLY A 155 -16.63 21.37 -28.00
N GLY A 156 -17.20 21.45 -26.80
CA GLY A 156 -17.67 22.72 -26.25
C GLY A 156 -18.95 23.18 -26.94
N PRO A 157 -19.46 24.36 -26.55
CA PRO A 157 -20.70 24.92 -27.12
C PRO A 157 -20.65 25.05 -28.65
N ASP A 158 -19.45 25.10 -29.23
CA ASP A 158 -19.30 25.25 -30.68
C ASP A 158 -19.81 24.05 -31.49
N TYR A 159 -20.01 22.91 -30.82
CA TYR A 159 -20.48 21.70 -31.49
C TYR A 159 -21.74 21.96 -32.31
N ALA A 160 -22.52 22.98 -31.91
CA ALA A 160 -23.83 23.23 -32.50
C ALA A 160 -23.74 23.96 -33.84
N THR A 161 -22.57 24.54 -34.10
CA THR A 161 -22.37 25.29 -35.34
C THR A 161 -22.29 24.36 -36.55
N ALA A 162 -22.04 23.07 -36.29
CA ALA A 162 -22.09 22.07 -37.35
C ALA A 162 -23.55 21.83 -37.71
N GLU A 163 -23.84 21.81 -39.01
CA GLU A 163 -25.18 21.50 -39.48
C GLU A 163 -25.60 20.11 -39.01
N THR A 164 -24.67 19.16 -39.13
CA THR A 164 -24.91 17.81 -38.68
C THR A 164 -23.68 17.32 -37.91
N PHE A 165 -23.88 16.86 -36.68
CA PHE A 165 -22.75 16.45 -35.87
C PHE A 165 -22.31 15.03 -36.22
N ASP A 166 -21.06 14.89 -36.65
CA ASP A 166 -20.49 13.60 -37.02
C ASP A 166 -19.73 13.02 -35.82
N ILE A 167 -20.20 11.92 -35.25
CA ILE A 167 -19.62 11.42 -34.01
C ILE A 167 -18.26 10.77 -34.22
N ARG A 168 -17.91 10.55 -35.47
CA ARG A 168 -16.62 9.99 -35.84
C ARG A 168 -15.58 11.10 -35.96
N THR A 169 -15.91 12.13 -36.74
CA THR A 169 -14.94 13.15 -37.12
C THR A 169 -14.92 14.39 -36.23
N MET A 170 -16.01 14.62 -35.50
CA MET A 170 -16.13 15.86 -34.73
C MET A 170 -16.01 15.64 -33.23
N MET A 171 -15.75 14.40 -32.85
CA MET A 171 -15.70 14.02 -31.44
C MET A 171 -14.35 13.39 -31.12
N SER A 172 -13.75 13.82 -30.01
CA SER A 172 -12.52 13.22 -29.51
C SER A 172 -12.67 12.99 -28.01
N PRO A 173 -12.59 11.73 -27.58
CA PRO A 173 -12.31 10.55 -28.42
C PRO A 173 -13.42 10.28 -29.44
N ASP A 174 -13.05 9.57 -30.51
CA ASP A 174 -13.96 9.11 -31.54
C ASP A 174 -15.15 8.34 -30.95
N GLY A 175 -16.37 8.72 -31.34
CA GLY A 175 -17.57 8.10 -30.81
C GLY A 175 -17.75 6.62 -31.07
N PHE A 176 -17.27 6.15 -32.22
CA PHE A 176 -17.32 4.71 -32.51
C PHE A 176 -16.31 3.96 -31.63
N GLU A 177 -15.17 4.57 -31.38
CA GLU A 177 -14.15 3.93 -30.56
C GLU A 177 -14.60 3.81 -29.10
N ILE A 178 -15.20 4.88 -28.58
CA ILE A 178 -15.77 4.84 -27.24
C ILE A 178 -16.77 3.71 -27.12
N PHE A 179 -17.59 3.52 -28.16
CA PHE A 179 -18.63 2.51 -28.14
C PHE A 179 -18.02 1.11 -28.20
N ARG A 180 -17.03 0.94 -29.07
CA ARG A 180 -16.36 -0.36 -29.20
C ARG A 180 -15.78 -0.82 -27.86
N LEU A 181 -15.07 0.07 -27.18
CA LEU A 181 -14.52 -0.26 -25.86
C LEU A 181 -15.62 -0.54 -24.85
N SER A 182 -16.68 0.26 -24.87
CA SER A 182 -17.80 0.03 -23.97
C SER A 182 -18.41 -1.35 -24.18
N LYS A 183 -18.38 -1.82 -25.43
CA LYS A 183 -18.94 -3.13 -25.76
C LYS A 183 -18.17 -4.27 -25.09
N LYS A 184 -16.92 -4.01 -24.70
CA LYS A 184 -16.14 -5.02 -23.98
C LYS A 184 -16.73 -5.24 -22.59
N ILE A 185 -17.34 -4.20 -22.05
CA ILE A 185 -17.96 -4.25 -20.73
C ILE A 185 -19.37 -4.83 -20.76
N THR A 186 -20.20 -4.39 -21.71
CA THR A 186 -21.60 -4.78 -21.69
C THR A 186 -22.29 -4.40 -23.02
N ASN A 187 -23.43 -5.00 -23.28
CA ASN A 187 -24.23 -4.63 -24.45
C ASN A 187 -25.21 -3.53 -24.12
N ASN A 188 -25.42 -3.32 -22.83
CA ASN A 188 -26.35 -2.32 -22.33
C ASN A 188 -25.66 -0.97 -22.20
N ILE A 189 -25.76 -0.18 -23.26
CA ILE A 189 -25.05 1.09 -23.36
C ILE A 189 -26.04 2.24 -23.57
N VAL A 190 -25.83 3.34 -22.86
CA VAL A 190 -26.62 4.55 -23.03
C VAL A 190 -25.73 5.67 -23.50
N TYR A 191 -26.09 6.28 -24.64
CA TYR A 191 -25.26 7.29 -25.25
C TYR A 191 -25.99 8.64 -25.25
N PHE A 192 -25.36 9.62 -24.61
CA PHE A 192 -25.91 10.97 -24.47
C PHE A 192 -25.21 11.85 -25.50
N LEU A 193 -25.98 12.39 -26.45
CA LEU A 193 -25.42 12.96 -27.67
C LEU A 193 -26.07 14.28 -28.12
N PRO A 194 -25.39 15.02 -28.99
CA PRO A 194 -25.89 16.33 -29.44
C PRO A 194 -27.23 16.22 -30.18
N ARG A 195 -28.06 17.26 -30.11
CA ARG A 195 -29.37 17.23 -30.77
C ARG A 195 -29.24 17.33 -32.30
N ASN A 196 -28.04 17.65 -32.78
CA ASN A 196 -27.79 17.69 -34.21
C ASN A 196 -26.95 16.49 -34.66
N ALA A 197 -26.94 15.44 -33.85
CA ALA A 197 -26.21 14.21 -34.18
C ALA A 197 -26.83 13.52 -35.40
N ASP A 198 -25.96 12.93 -36.21
CA ASP A 198 -26.38 12.14 -37.37
C ASP A 198 -27.03 10.85 -36.87
N ILE A 199 -28.36 10.76 -36.99
CA ILE A 199 -29.11 9.64 -36.42
C ILE A 199 -28.84 8.32 -37.14
N ASP A 200 -28.52 8.40 -38.43
CA ASP A 200 -28.08 7.23 -39.16
C ASP A 200 -26.79 6.66 -38.53
N GLN A 201 -25.82 7.54 -38.29
CA GLN A 201 -24.57 7.18 -37.62
C GLN A 201 -24.79 6.56 -36.24
N VAL A 202 -25.57 7.24 -35.41
CA VAL A 202 -25.87 6.76 -34.08
C VAL A 202 -26.49 5.37 -34.10
N ALA A 203 -27.48 5.18 -34.98
CA ALA A 203 -28.14 3.89 -35.08
C ALA A 203 -27.16 2.80 -35.51
N SER A 204 -26.21 3.17 -36.37
CA SER A 204 -25.27 2.19 -36.93
C SER A 204 -24.33 1.62 -35.87
N LEU A 205 -24.24 2.28 -34.71
CA LEU A 205 -23.41 1.79 -33.62
C LEU A 205 -23.85 0.39 -33.19
N ALA A 206 -25.15 0.14 -33.28
CA ALA A 206 -25.71 -1.14 -32.84
C ALA A 206 -25.15 -2.35 -33.62
N GLY A 207 -24.59 -2.08 -34.80
CA GLY A 207 -24.07 -3.16 -35.63
C GLY A 207 -25.19 -3.96 -36.26
N PRO A 208 -24.85 -5.13 -36.83
CA PRO A 208 -25.82 -5.98 -37.54
C PRO A 208 -26.85 -6.57 -36.59
N GLY A 209 -28.12 -6.38 -36.90
CA GLY A 209 -29.20 -6.89 -36.07
C GLY A 209 -29.23 -6.25 -34.69
N GLY A 210 -28.33 -5.30 -34.48
CA GLY A 210 -28.23 -4.62 -33.21
C GLY A 210 -29.51 -3.92 -32.82
N GLN A 211 -29.79 -3.89 -31.52
CA GLN A 211 -30.97 -3.23 -30.99
C GLN A 211 -30.64 -1.80 -30.56
N VAL A 212 -31.49 -0.85 -30.95
CA VAL A 212 -31.31 0.52 -30.48
C VAL A 212 -32.63 1.30 -30.48
N GLU A 213 -32.90 2.00 -29.39
CA GLU A 213 -34.03 2.92 -29.28
C GLU A 213 -33.51 4.30 -28.90
N ILE A 214 -34.07 5.32 -29.51
CA ILE A 214 -33.57 6.68 -29.33
C ILE A 214 -34.67 7.60 -28.80
N GLU A 215 -34.28 8.64 -28.08
CA GLU A 215 -35.24 9.64 -27.66
C GLU A 215 -34.61 11.03 -27.78
N GLN A 216 -35.44 12.02 -28.10
CA GLN A 216 -35.03 13.40 -27.96
C GLN A 216 -35.35 13.82 -26.54
N ASN A 217 -34.41 14.53 -25.91
CA ASN A 217 -34.62 15.07 -24.58
C ASN A 217 -34.97 16.54 -24.67
N PHE A 218 -36.06 16.92 -24.03
CA PHE A 218 -36.55 18.29 -24.07
C PHE A 218 -36.47 18.92 -22.68
N LEU A 219 -36.21 20.22 -22.66
CA LEU A 219 -36.38 21.00 -21.44
C LEU A 219 -37.31 22.18 -21.75
N ASN A 220 -38.48 22.19 -21.11
CA ASN A 220 -39.51 23.19 -21.38
C ASN A 220 -39.86 23.27 -22.86
N ASN A 221 -40.13 22.13 -23.48
CA ASN A 221 -40.49 22.07 -24.89
C ASN A 221 -39.39 22.53 -25.82
N LYS A 222 -38.20 22.78 -25.29
CA LYS A 222 -37.07 23.13 -26.14
C LYS A 222 -36.16 21.91 -26.34
N LEU A 223 -35.90 21.55 -27.58
CA LEU A 223 -35.02 20.39 -27.86
C LEU A 223 -33.62 20.65 -27.30
N LYS A 224 -33.12 19.71 -26.49
CA LYS A 224 -31.81 19.88 -25.86
C LYS A 224 -30.73 18.95 -26.42
N THR A 225 -31.00 17.65 -26.38
CA THR A 225 -30.03 16.61 -26.70
C THR A 225 -30.78 15.36 -27.14
N ILE A 226 -30.05 14.32 -27.53
CA ILE A 226 -30.66 13.00 -27.69
C ILE A 226 -30.01 11.96 -26.76
N THR A 227 -30.75 10.91 -26.46
CA THR A 227 -30.20 9.77 -25.74
C THR A 227 -30.54 8.49 -26.50
N ALA A 228 -29.52 7.66 -26.75
CA ALA A 228 -29.72 6.38 -27.40
C ALA A 228 -29.47 5.23 -26.43
N TYR A 229 -30.39 4.28 -26.45
CA TYR A 229 -30.40 3.14 -25.56
C TYR A 229 -30.13 1.89 -26.37
N PHE A 230 -29.03 1.21 -26.06
CA PHE A 230 -28.60 0.03 -26.79
C PHE A 230 -28.71 -1.24 -25.95
N GLY A 231 -28.81 -2.38 -26.61
CA GLY A 231 -28.92 -3.65 -25.93
C GLY A 231 -30.37 -3.95 -25.64
N ASP A 232 -30.63 -4.71 -24.58
CA ASP A 232 -32.00 -5.04 -24.24
C ASP A 232 -32.17 -5.32 -22.75
N GLU B 25 25.61 -18.35 -19.68
CA GLU B 25 25.35 -16.99 -19.24
C GLU B 25 23.96 -16.89 -18.61
N ILE B 26 23.12 -16.04 -19.20
CA ILE B 26 21.78 -15.85 -18.71
C ILE B 26 20.93 -16.68 -19.66
N ALA B 27 21.62 -17.31 -20.60
CA ALA B 27 21.00 -18.16 -21.60
C ALA B 27 20.36 -19.35 -20.96
N ALA B 28 21.04 -20.02 -20.06
CA ALA B 28 20.34 -21.17 -19.49
C ALA B 28 18.91 -20.81 -19.12
N VAL B 29 18.65 -19.52 -18.91
CA VAL B 29 17.33 -19.04 -18.55
C VAL B 29 16.72 -18.25 -19.72
N PRO B 30 16.16 -18.98 -20.70
CA PRO B 30 15.62 -18.40 -21.92
C PRO B 30 14.52 -17.37 -21.66
N GLU B 31 13.83 -17.51 -20.54
CA GLU B 31 12.74 -16.59 -20.21
C GLU B 31 13.27 -15.20 -19.89
N LEU B 32 14.55 -15.13 -19.50
CA LEU B 32 15.18 -13.87 -19.14
C LEU B 32 15.69 -13.10 -20.35
N ALA B 33 15.64 -13.72 -21.52
CA ALA B 33 16.17 -13.11 -22.74
C ALA B 33 15.66 -11.69 -22.96
N LYS B 34 14.34 -11.52 -22.98
CA LYS B 34 13.77 -10.20 -23.26
C LYS B 34 14.16 -9.18 -22.21
N TYR B 35 14.31 -9.63 -20.97
CA TYR B 35 14.66 -8.72 -19.88
C TYR B 35 16.09 -8.24 -20.03
N TRP B 36 16.98 -9.17 -20.36
CA TRP B 36 18.37 -8.82 -20.60
C TRP B 36 18.49 -7.81 -21.73
N ALA B 37 17.74 -8.02 -22.80
CA ALA B 37 17.75 -7.09 -23.93
C ALA B 37 17.32 -5.69 -23.50
N GLN B 38 16.48 -5.60 -22.48
CA GLN B 38 15.99 -4.31 -21.99
C GLN B 38 16.65 -3.88 -20.68
N ARG B 39 17.78 -4.49 -20.36
CA ARG B 39 18.43 -4.26 -19.07
C ARG B 39 18.71 -2.79 -18.76
N TYR B 40 19.03 -2.00 -19.78
CA TYR B 40 19.32 -0.58 -19.54
C TYR B 40 18.04 0.21 -19.33
N ARG B 41 16.93 -0.32 -19.83
CA ARG B 41 15.62 0.26 -19.55
C ARG B 41 15.22 -0.07 -18.10
N LEU B 42 15.77 -1.15 -17.57
CA LEU B 42 15.51 -1.50 -16.17
C LEU B 42 16.36 -0.66 -15.22
N PHE B 43 17.67 -0.64 -15.47
CA PHE B 43 18.59 0.22 -14.73
C PHE B 43 19.57 0.86 -15.72
N SER B 44 19.46 2.17 -15.88
CA SER B 44 20.35 2.88 -16.78
C SER B 44 21.82 2.64 -16.40
N ARG B 45 22.08 2.48 -15.12
CA ARG B 45 23.45 2.30 -14.63
C ARG B 45 23.83 0.82 -14.48
N PHE B 46 23.12 -0.03 -15.21
CA PHE B 46 23.28 -1.48 -15.09
C PHE B 46 24.74 -1.93 -15.10
N ASP B 47 25.54 -1.37 -16.00
CA ASP B 47 26.92 -1.80 -16.17
C ASP B 47 27.83 -1.34 -15.03
N ASP B 48 27.30 -0.50 -14.15
CA ASP B 48 28.06 -0.04 -12.99
C ASP B 48 27.96 -1.01 -11.81
N GLY B 49 27.49 -2.23 -12.08
CA GLY B 49 27.51 -3.27 -11.07
C GLY B 49 26.17 -3.61 -10.44
N ILE B 50 25.09 -3.32 -11.16
CA ILE B 50 23.76 -3.70 -10.71
C ILE B 50 23.65 -5.22 -10.66
N LYS B 51 22.94 -5.73 -9.66
CA LYS B 51 22.73 -7.17 -9.53
C LYS B 51 21.24 -7.51 -9.44
N LEU B 52 20.83 -8.60 -10.08
CA LEU B 52 19.46 -9.10 -9.93
C LEU B 52 19.43 -10.61 -9.88
N ASP B 53 18.46 -11.17 -9.17
CA ASP B 53 18.16 -12.59 -9.28
C ASP B 53 17.01 -12.77 -10.25
N ARG B 54 16.61 -14.01 -10.48
CA ARG B 54 15.58 -14.31 -11.48
C ARG B 54 14.28 -13.53 -11.25
N GLU B 55 13.72 -13.64 -10.04
CA GLU B 55 12.48 -12.93 -9.74
C GLU B 55 12.67 -11.42 -9.87
N GLY B 56 13.86 -10.95 -9.52
CA GLY B 56 14.16 -9.53 -9.60
C GLY B 56 14.00 -9.02 -11.02
N TRP B 57 14.54 -9.79 -11.98
CA TRP B 57 14.44 -9.43 -13.39
C TRP B 57 12.99 -9.26 -13.82
N PHE B 58 12.14 -10.20 -13.38
CA PHE B 58 10.73 -10.22 -13.77
C PHE B 58 9.93 -9.10 -13.11
N SER B 59 10.38 -8.64 -11.94
CA SER B 59 9.55 -7.77 -11.12
C SER B 59 10.00 -6.31 -11.02
N VAL B 60 11.27 -6.04 -11.34
CA VAL B 60 11.78 -4.69 -11.15
C VAL B 60 11.01 -3.67 -12.01
N THR B 61 10.66 -2.54 -11.42
CA THR B 61 10.01 -1.47 -12.16
C THR B 61 11.04 -0.82 -13.07
N PRO B 62 10.71 -0.68 -14.36
CA PRO B 62 11.62 0.01 -15.27
C PRO B 62 11.94 1.41 -14.76
N GLU B 63 13.16 1.86 -14.99
CA GLU B 63 13.64 3.11 -14.40
C GLU B 63 12.84 4.36 -14.75
N LYS B 64 12.43 4.49 -16.01
CA LYS B 64 11.67 5.66 -16.42
C LYS B 64 10.35 5.74 -15.67
N ILE B 65 9.70 4.60 -15.51
CA ILE B 65 8.44 4.49 -14.78
C ILE B 65 8.62 4.77 -13.29
N ALA B 66 9.61 4.13 -12.66
CA ALA B 66 9.88 4.37 -11.24
C ALA B 66 10.22 5.84 -10.99
N GLU B 67 10.97 6.44 -11.91
CA GLU B 67 11.33 7.84 -11.83
C GLU B 67 10.08 8.72 -11.92
N HIS B 68 9.17 8.38 -12.82
CA HIS B 68 7.91 9.10 -12.93
C HIS B 68 7.10 9.02 -11.63
N ILE B 69 6.99 7.82 -11.08
CA ILE B 69 6.23 7.62 -9.84
C ILE B 69 6.86 8.38 -8.66
N ALA B 70 8.19 8.31 -8.57
CA ALA B 70 8.88 9.05 -7.50
C ALA B 70 8.65 10.55 -7.66
N GLY B 71 8.68 11.01 -8.91
CA GLY B 71 8.46 12.42 -9.20
C GLY B 71 7.09 12.90 -8.74
N ARG B 72 6.06 12.13 -9.08
CA ARG B 72 4.69 12.44 -8.67
C ARG B 72 4.56 12.47 -7.16
N VAL B 73 5.04 11.41 -6.52
CA VAL B 73 4.97 11.31 -5.07
C VAL B 73 5.67 12.47 -4.36
N SER B 74 6.89 12.79 -4.79
CA SER B 74 7.70 13.78 -4.09
C SER B 74 7.17 15.20 -4.23
N GLN B 75 6.44 15.46 -5.31
CA GLN B 75 5.82 16.78 -5.50
C GLN B 75 4.51 16.87 -4.73
N SER B 76 4.53 16.42 -3.48
CA SER B 76 3.34 16.46 -2.62
C SER B 76 3.73 16.70 -1.16
N CYS B 79 5.47 14.96 2.83
CA CYS B 79 5.81 13.68 2.22
C CYS B 79 7.33 13.49 2.11
N ASP B 80 7.96 13.13 3.24
CA ASP B 80 9.41 12.91 3.27
C ASP B 80 9.83 11.50 3.69
N VAL B 81 8.92 10.75 4.31
CA VAL B 81 9.19 9.35 4.62
C VAL B 81 8.25 8.42 3.84
N VAL B 82 8.83 7.63 2.94
CA VAL B 82 8.06 6.66 2.19
C VAL B 82 8.45 5.24 2.57
N VAL B 83 7.45 4.39 2.77
CA VAL B 83 7.66 2.96 2.95
C VAL B 83 7.52 2.23 1.63
N ASP B 84 8.61 1.64 1.16
CA ASP B 84 8.55 0.71 0.03
C ASP B 84 8.34 -0.67 0.62
N ALA B 85 7.07 -1.07 0.70
CA ALA B 85 6.64 -2.23 1.45
C ALA B 85 7.07 -3.59 0.87
N PHE B 86 7.30 -3.64 -0.44
CA PHE B 86 7.74 -4.85 -1.12
C PHE B 86 8.83 -4.42 -2.06
N CYS B 87 10.03 -4.17 -1.52
CA CYS B 87 11.02 -3.38 -2.26
C CYS B 87 11.79 -4.11 -3.36
N GLY B 88 11.80 -5.43 -3.34
CA GLY B 88 12.48 -6.19 -4.38
C GLY B 88 13.95 -5.83 -4.52
N VAL B 89 14.42 -5.67 -5.75
CA VAL B 89 15.81 -5.31 -5.99
C VAL B 89 16.01 -3.77 -6.00
N GLY B 90 15.00 -3.05 -5.51
CA GLY B 90 15.13 -1.63 -5.26
C GLY B 90 14.77 -0.67 -6.39
N GLY B 91 14.09 -1.16 -7.43
CA GLY B 91 13.73 -0.30 -8.55
C GLY B 91 13.10 1.01 -8.10
N ASN B 92 12.03 0.90 -7.32
CA ASN B 92 11.31 2.07 -6.84
C ASN B 92 12.04 2.75 -5.69
N THR B 93 12.61 1.95 -4.80
CA THR B 93 13.34 2.45 -3.64
C THR B 93 14.37 3.47 -4.07
N ILE B 94 15.16 3.12 -5.07
CA ILE B 94 16.23 3.95 -5.58
C ILE B 94 15.72 5.28 -6.15
N GLN B 95 14.61 5.24 -6.87
CA GLN B 95 14.07 6.47 -7.44
C GLN B 95 13.49 7.37 -6.36
N PHE B 96 12.85 6.80 -5.35
CA PHE B 96 12.37 7.60 -4.24
C PHE B 96 13.55 8.30 -3.54
N ALA B 97 14.62 7.55 -3.29
CA ALA B 97 15.79 8.09 -2.60
C ALA B 97 16.47 9.18 -3.42
N LEU B 98 16.51 9.01 -4.74
CA LEU B 98 17.14 9.99 -5.61
C LEU B 98 16.44 11.35 -5.56
N THR B 99 15.16 11.37 -5.16
CA THR B 99 14.43 12.63 -5.06
C THR B 99 14.64 13.28 -3.69
N GLY B 100 15.35 12.60 -2.81
CA GLY B 100 15.68 13.17 -1.53
C GLY B 100 14.76 12.72 -0.40
N MET B 101 13.78 11.89 -0.73
CA MET B 101 12.92 11.32 0.32
C MET B 101 13.68 10.30 1.17
N ARG B 102 13.26 10.14 2.41
CA ARG B 102 13.80 9.10 3.28
CA ARG B 102 13.80 9.10 3.27
C ARG B 102 12.98 7.84 3.06
N VAL B 103 13.65 6.74 2.76
CA VAL B 103 12.96 5.50 2.43
C VAL B 103 13.16 4.42 3.47
N ILE B 104 12.07 3.74 3.82
CA ILE B 104 12.13 2.50 4.56
C ILE B 104 11.81 1.37 3.59
N ALA B 105 12.82 0.61 3.22
CA ALA B 105 12.64 -0.45 2.23
C ALA B 105 12.50 -1.80 2.89
N ILE B 106 11.39 -2.49 2.60
CA ILE B 106 11.06 -3.76 3.23
C ILE B 106 10.93 -4.90 2.22
N ASP B 107 11.59 -6.03 2.49
CA ASP B 107 11.33 -7.24 1.71
C ASP B 107 11.48 -8.46 2.59
N ILE B 108 10.66 -9.47 2.34
CA ILE B 108 10.63 -10.64 3.19
C ILE B 108 11.81 -11.56 2.87
N ASP B 109 12.39 -11.38 1.69
CA ASP B 109 13.47 -12.23 1.22
C ASP B 109 14.81 -11.54 1.42
N PRO B 110 15.68 -12.10 2.29
CA PRO B 110 16.98 -11.50 2.59
C PRO B 110 17.81 -11.30 1.32
N VAL B 111 17.65 -12.18 0.35
CA VAL B 111 18.38 -12.04 -0.90
C VAL B 111 18.02 -10.73 -1.60
N LYS B 112 16.73 -10.39 -1.58
CA LYS B 112 16.26 -9.14 -2.20
C LYS B 112 16.87 -7.94 -1.50
N ILE B 113 16.85 -7.94 -0.18
CA ILE B 113 17.47 -6.85 0.58
C ILE B 113 18.93 -6.65 0.20
N ALA B 114 19.67 -7.74 0.07
CA ALA B 114 21.08 -7.68 -0.31
C ALA B 114 21.24 -7.08 -1.70
N LEU B 115 20.35 -7.46 -2.61
CA LEU B 115 20.38 -6.91 -3.96
C LEU B 115 20.04 -5.43 -3.96
N ALA B 116 19.01 -5.05 -3.20
CA ALA B 116 18.59 -3.66 -3.13
C ALA B 116 19.72 -2.79 -2.58
N ARG B 117 20.38 -3.28 -1.55
CA ARG B 117 21.46 -2.53 -0.93
C ARG B 117 22.60 -2.33 -1.93
N ASN B 118 22.97 -3.40 -2.63
CA ASN B 118 24.00 -3.31 -3.65
C ASN B 118 23.62 -2.28 -4.70
N ASN B 119 22.38 -2.38 -5.18
CA ASN B 119 21.92 -1.51 -6.25
C ASN B 119 21.82 -0.05 -5.81
N ALA B 120 21.38 0.17 -4.59
CA ALA B 120 21.31 1.53 -4.04
C ALA B 120 22.70 2.19 -3.99
N GLU B 121 23.72 1.41 -3.63
CA GLU B 121 25.08 1.94 -3.60
C GLU B 121 25.51 2.36 -5.00
N VAL B 122 25.21 1.52 -5.98
CA VAL B 122 25.53 1.85 -7.37
C VAL B 122 25.00 3.25 -7.71
N TYR B 123 23.79 3.56 -7.23
CA TYR B 123 23.15 4.84 -7.51
C TYR B 123 23.56 5.95 -6.54
N GLY B 124 24.50 5.63 -5.64
CA GLY B 124 25.02 6.61 -4.72
C GLY B 124 24.05 7.16 -3.68
N ILE B 125 22.97 6.44 -3.39
CA ILE B 125 22.02 6.93 -2.38
C ILE B 125 21.62 5.90 -1.32
N ALA B 126 22.49 4.92 -1.07
CA ALA B 126 22.20 3.90 -0.06
C ALA B 126 21.93 4.51 1.32
N ASP B 127 22.62 5.61 1.61
N ASP B 127 22.61 5.63 1.60
CA ASP B 127 22.49 6.27 2.91
CA ASP B 127 22.51 6.29 2.90
C ASP B 127 21.08 6.79 3.19
C ASP B 127 21.16 6.93 3.15
N LYS B 128 20.32 7.01 2.13
CA LYS B 128 18.99 7.58 2.26
C LYS B 128 17.94 6.54 2.65
N ILE B 129 18.35 5.27 2.69
CA ILE B 129 17.42 4.17 2.88
C ILE B 129 17.71 3.37 4.14
N GLU B 130 16.65 2.92 4.81
CA GLU B 130 16.77 1.91 5.86
C GLU B 130 16.15 0.62 5.39
N PHE B 131 16.95 -0.44 5.36
CA PHE B 131 16.50 -1.73 4.86
C PHE B 131 16.01 -2.67 5.95
N ILE B 132 14.86 -3.28 5.73
CA ILE B 132 14.29 -4.25 6.66
C ILE B 132 13.97 -5.56 5.97
N CYS B 133 14.59 -6.65 6.41
CA CYS B 133 14.13 -7.97 6.00
C CYS B 133 13.03 -8.42 6.94
N GLY B 134 11.80 -8.43 6.45
CA GLY B 134 10.67 -8.75 7.29
C GLY B 134 9.37 -8.83 6.49
N ASP B 135 8.29 -9.16 7.18
CA ASP B 135 6.98 -9.36 6.59
C ASP B 135 6.14 -8.11 6.72
N PHE B 136 5.90 -7.43 5.61
CA PHE B 136 5.15 -6.18 5.67
C PHE B 136 3.82 -6.35 6.40
N LEU B 137 3.18 -7.50 6.22
CA LEU B 137 1.87 -7.74 6.83
C LEU B 137 1.92 -7.59 8.35
N LEU B 138 3.07 -7.92 8.94
CA LEU B 138 3.21 -7.93 10.40
C LEU B 138 3.92 -6.69 10.92
N LEU B 139 4.53 -5.92 10.01
CA LEU B 139 5.20 -4.68 10.37
C LEU B 139 4.27 -3.48 10.23
N ALA B 140 3.35 -3.56 9.28
CA ALA B 140 2.50 -2.43 8.90
C ALA B 140 1.84 -1.73 10.08
N SER B 141 1.28 -2.50 10.99
CA SER B 141 0.55 -1.95 12.12
C SER B 141 1.41 -1.11 13.05
N PHE B 142 2.73 -1.11 12.84
CA PHE B 142 3.63 -0.38 13.72
C PHE B 142 4.62 0.49 12.98
N LEU B 143 4.30 0.75 11.72
CA LEU B 143 5.08 1.67 10.90
C LEU B 143 4.40 3.03 10.84
N LYS B 144 5.20 4.08 10.73
CA LYS B 144 4.68 5.42 10.55
C LYS B 144 5.34 6.02 9.32
N ALA B 145 4.55 6.67 8.47
CA ALA B 145 5.09 7.20 7.23
C ALA B 145 4.14 8.19 6.56
N ASP B 146 4.69 9.00 5.66
CA ASP B 146 3.87 9.93 4.88
C ASP B 146 3.22 9.23 3.69
N VAL B 147 3.94 8.28 3.09
CA VAL B 147 3.48 7.57 1.90
C VAL B 147 3.83 6.09 2.00
N VAL B 148 2.92 5.24 1.56
CA VAL B 148 3.21 3.82 1.42
C VAL B 148 3.15 3.43 -0.05
N PHE B 149 4.26 2.89 -0.56
CA PHE B 149 4.31 2.41 -1.93
C PHE B 149 4.19 0.89 -1.97
N LEU B 150 3.26 0.39 -2.78
CA LEU B 150 2.96 -1.04 -2.83
C LEU B 150 3.21 -1.67 -4.19
N SER B 151 4.20 -2.57 -4.25
CA SER B 151 4.51 -3.31 -5.46
C SER B 151 4.67 -4.80 -5.16
N PRO B 152 3.59 -5.45 -4.72
CA PRO B 152 3.58 -6.84 -4.25
C PRO B 152 3.87 -7.83 -5.37
N PRO B 153 4.04 -9.12 -5.02
CA PRO B 153 4.21 -10.16 -6.03
C PRO B 153 2.89 -10.35 -6.78
N TRP B 154 2.91 -10.47 -8.10
CA TRP B 154 1.68 -10.74 -8.86
C TRP B 154 1.62 -12.18 -9.37
N GLY B 155 2.70 -12.94 -9.20
CA GLY B 155 2.71 -14.35 -9.56
C GLY B 155 3.50 -14.69 -10.80
N GLY B 156 4.61 -13.98 -11.01
CA GLY B 156 5.46 -14.21 -12.17
C GLY B 156 4.77 -13.80 -13.46
N PRO B 157 5.52 -13.85 -14.58
CA PRO B 157 5.03 -13.45 -15.90
C PRO B 157 3.73 -14.13 -16.34
N ASP B 158 3.26 -15.11 -15.58
CA ASP B 158 2.01 -15.81 -15.92
C ASP B 158 0.76 -15.02 -15.52
N TYR B 159 0.94 -13.99 -14.71
CA TYR B 159 -0.17 -13.18 -14.24
C TYR B 159 -1.06 -12.71 -15.41
N ALA B 160 -0.43 -12.45 -16.56
CA ALA B 160 -1.12 -11.85 -17.70
C ALA B 160 -1.88 -12.86 -18.55
N THR B 161 -1.96 -14.11 -18.09
CA THR B 161 -2.63 -15.17 -18.85
C THR B 161 -4.14 -15.17 -18.62
N ALA B 162 -4.57 -14.74 -17.44
CA ALA B 162 -5.98 -14.46 -17.21
C ALA B 162 -6.28 -13.11 -17.85
N GLU B 163 -7.46 -12.97 -18.44
CA GLU B 163 -7.78 -11.75 -19.17
C GLU B 163 -7.84 -10.55 -18.23
N THR B 164 -8.46 -10.73 -17.07
CA THR B 164 -8.49 -9.70 -16.04
C THR B 164 -7.85 -10.22 -14.76
N PHE B 165 -6.94 -9.45 -14.19
CA PHE B 165 -6.22 -9.85 -12.99
C PHE B 165 -7.02 -9.51 -11.73
N ASP B 166 -7.37 -10.55 -10.98
CA ASP B 166 -8.12 -10.41 -9.73
C ASP B 166 -7.17 -10.22 -8.55
N ILE B 167 -7.20 -9.04 -7.95
CA ILE B 167 -6.23 -8.72 -6.91
C ILE B 167 -6.54 -9.42 -5.60
N ARG B 168 -7.71 -10.05 -5.52
CA ARG B 168 -8.10 -10.79 -4.33
C ARG B 168 -7.77 -12.29 -4.41
N THR B 169 -7.83 -12.86 -5.60
CA THR B 169 -7.63 -14.30 -5.75
C THR B 169 -6.35 -14.70 -6.49
N MET B 170 -5.69 -13.73 -7.13
CA MET B 170 -4.51 -14.02 -7.93
C MET B 170 -3.25 -13.44 -7.32
N MET B 171 -3.41 -12.75 -6.20
CA MET B 171 -2.29 -12.19 -5.46
C MET B 171 -2.19 -12.83 -4.07
N SER B 172 -0.97 -13.12 -3.64
CA SER B 172 -0.70 -13.48 -2.25
C SER B 172 0.56 -12.74 -1.81
N PRO B 173 0.44 -11.91 -0.75
CA PRO B 173 -0.79 -11.72 0.03
C PRO B 173 -1.90 -11.05 -0.79
N ASP B 174 -3.13 -11.16 -0.31
CA ASP B 174 -4.29 -10.60 -0.98
C ASP B 174 -4.21 -9.07 -1.06
N GLY B 175 -4.55 -8.54 -2.24
CA GLY B 175 -4.44 -7.11 -2.49
C GLY B 175 -5.27 -6.23 -1.58
N PHE B 176 -6.43 -6.72 -1.15
CA PHE B 176 -7.28 -5.95 -0.23
C PHE B 176 -6.69 -5.91 1.17
N GLU B 177 -6.10 -7.02 1.60
CA GLU B 177 -5.49 -7.09 2.92
C GLU B 177 -4.25 -6.18 2.99
N ILE B 178 -3.42 -6.24 1.97
CA ILE B 178 -2.26 -5.36 1.90
C ILE B 178 -2.69 -3.90 2.02
N PHE B 179 -3.74 -3.54 1.27
CA PHE B 179 -4.25 -2.18 1.30
C PHE B 179 -4.80 -1.80 2.67
N ARG B 180 -5.55 -2.71 3.29
CA ARG B 180 -6.14 -2.46 4.59
C ARG B 180 -5.06 -2.16 5.64
N LEU B 181 -3.97 -2.93 5.59
CA LEU B 181 -2.86 -2.73 6.53
C LEU B 181 -2.12 -1.43 6.24
N SER B 182 -1.95 -1.11 4.96
CA SER B 182 -1.31 0.14 4.60
C SER B 182 -2.11 1.34 5.12
N LYS B 183 -3.42 1.20 5.21
CA LYS B 183 -4.28 2.28 5.67
C LYS B 183 -4.03 2.62 7.14
N LYS B 184 -3.48 1.67 7.89
CA LYS B 184 -3.14 1.93 9.29
C LYS B 184 -2.00 2.94 9.35
N ILE B 185 -1.15 2.91 8.34
CA ILE B 185 0.00 3.81 8.26
C ILE B 185 -0.41 5.18 7.74
N THR B 186 -1.04 5.22 6.57
CA THR B 186 -1.35 6.50 5.94
C THR B 186 -2.49 6.36 4.91
N ASN B 187 -3.05 7.48 4.49
CA ASN B 187 -4.04 7.46 3.40
C ASN B 187 -3.35 7.66 2.06
N ASN B 188 -2.10 8.09 2.13
CA ASN B 188 -1.32 8.37 0.93
C ASN B 188 -0.66 7.09 0.45
N ILE B 189 -1.35 6.37 -0.42
CA ILE B 189 -0.94 5.05 -0.84
C ILE B 189 -0.76 5.01 -2.35
N VAL B 190 0.33 4.41 -2.80
CA VAL B 190 0.55 4.20 -4.24
C VAL B 190 0.55 2.70 -4.50
N TYR B 191 -0.23 2.26 -5.50
CA TYR B 191 -0.36 0.83 -5.79
C TYR B 191 0.12 0.55 -7.20
N PHE B 192 1.21 -0.20 -7.32
CA PHE B 192 1.77 -0.60 -8.61
C PHE B 192 1.19 -1.97 -8.95
N LEU B 193 0.45 -2.04 -10.06
CA LEU B 193 -0.35 -3.22 -10.37
C LEU B 193 -0.29 -3.63 -11.84
N PRO B 194 -0.73 -4.85 -12.15
CA PRO B 194 -0.69 -5.37 -13.53
C PRO B 194 -1.55 -4.54 -14.47
N ARG B 195 -1.14 -4.43 -15.73
CA ARG B 195 -1.86 -3.64 -16.71
C ARG B 195 -3.28 -4.14 -16.94
N ASN B 196 -3.53 -5.40 -16.60
CA ASN B 196 -4.87 -5.97 -16.73
C ASN B 196 -5.59 -6.10 -15.39
N ALA B 197 -5.21 -5.26 -14.44
CA ALA B 197 -5.86 -5.29 -13.13
C ALA B 197 -7.33 -4.98 -13.25
N ASP B 198 -8.14 -5.68 -12.45
CA ASP B 198 -9.58 -5.49 -12.39
C ASP B 198 -9.94 -4.10 -11.85
N ILE B 199 -10.48 -3.24 -12.71
CA ILE B 199 -10.64 -1.85 -12.33
C ILE B 199 -11.73 -1.64 -11.27
N ASP B 200 -12.82 -2.42 -11.30
CA ASP B 200 -13.83 -2.38 -10.25
CA ASP B 200 -13.80 -2.27 -10.24
C ASP B 200 -13.16 -2.56 -8.89
N GLN B 201 -12.31 -3.58 -8.82
CA GLN B 201 -11.63 -3.92 -7.57
C GLN B 201 -10.73 -2.79 -7.09
N VAL B 202 -9.89 -2.29 -7.99
CA VAL B 202 -9.03 -1.16 -7.65
C VAL B 202 -9.86 0.02 -7.15
N ALA B 203 -10.95 0.31 -7.87
CA ALA B 203 -11.84 1.40 -7.48
C ALA B 203 -12.54 1.18 -6.13
N SER B 204 -12.76 -0.07 -5.76
CA SER B 204 -13.41 -0.35 -4.49
C SER B 204 -12.46 -0.20 -3.29
N LEU B 205 -11.16 -0.15 -3.55
CA LEU B 205 -10.18 -0.08 -2.46
C LEU B 205 -10.44 1.10 -1.54
N ALA B 206 -10.76 2.25 -2.11
CA ALA B 206 -10.97 3.46 -1.31
C ALA B 206 -12.32 3.52 -0.59
N GLY B 207 -13.17 2.52 -0.82
CA GLY B 207 -14.46 2.43 -0.15
C GLY B 207 -15.53 3.35 -0.72
N PRO B 208 -16.78 3.19 -0.23
CA PRO B 208 -17.91 4.00 -0.69
C PRO B 208 -17.61 5.50 -0.66
N GLY B 209 -17.84 6.16 -1.79
CA GLY B 209 -17.64 7.60 -1.87
C GLY B 209 -16.19 7.99 -2.00
N GLY B 210 -15.32 6.99 -2.12
CA GLY B 210 -13.89 7.24 -2.18
C GLY B 210 -13.40 7.53 -3.59
N GLN B 211 -12.18 8.06 -3.69
CA GLN B 211 -11.59 8.35 -4.98
C GLN B 211 -10.21 7.74 -5.17
N VAL B 212 -9.86 7.46 -6.41
CA VAL B 212 -8.54 6.94 -6.75
C VAL B 212 -8.15 7.51 -8.10
N GLU B 213 -6.88 7.85 -8.27
CA GLU B 213 -6.38 8.23 -9.59
C GLU B 213 -5.61 7.06 -10.20
N ILE B 214 -6.00 6.65 -11.40
CA ILE B 214 -5.34 5.54 -12.05
C ILE B 214 -4.60 5.98 -13.30
N GLU B 215 -3.30 5.71 -13.35
CA GLU B 215 -2.54 6.00 -14.56
C GLU B 215 -2.05 4.71 -15.19
N GLN B 216 -1.93 4.72 -16.51
CA GLN B 216 -1.33 3.61 -17.23
C GLN B 216 0.14 3.96 -17.50
N ASN B 217 1.03 2.99 -17.26
CA ASN B 217 2.46 3.20 -17.49
C ASN B 217 2.91 2.56 -18.80
N PHE B 218 3.64 3.32 -19.59
CA PHE B 218 4.09 2.84 -20.89
C PHE B 218 5.62 2.78 -20.94
N LEU B 219 6.14 1.89 -21.77
CA LEU B 219 7.57 1.83 -22.04
C LEU B 219 7.81 1.76 -23.54
N ASN B 220 8.44 2.77 -24.11
CA ASN B 220 8.57 2.88 -25.56
C ASN B 220 7.19 2.83 -26.23
N ASN B 221 6.21 3.46 -25.59
CA ASN B 221 4.85 3.55 -26.10
C ASN B 221 4.06 2.24 -26.03
N LYS B 222 4.59 1.25 -25.32
CA LYS B 222 3.87 0.00 -25.11
C LYS B 222 3.34 -0.07 -23.69
N LEU B 223 2.05 -0.40 -23.56
CA LEU B 223 1.39 -0.48 -22.26
C LEU B 223 2.07 -1.50 -21.36
N LYS B 224 2.49 -1.07 -20.18
CA LYS B 224 3.27 -1.91 -19.26
C LYS B 224 2.52 -2.32 -18.00
N THR B 225 2.08 -1.33 -17.23
CA THR B 225 1.46 -1.56 -15.94
C THR B 225 0.53 -0.39 -15.66
N ILE B 226 -0.19 -0.46 -14.55
CA ILE B 226 -0.90 0.70 -14.03
C ILE B 226 -0.36 1.09 -12.66
N THR B 227 -0.50 2.36 -12.31
CA THR B 227 -0.22 2.81 -10.96
C THR B 227 -1.45 3.55 -10.45
N ALA B 228 -1.94 3.15 -9.27
CA ALA B 228 -3.07 3.82 -8.62
C ALA B 228 -2.60 4.69 -7.45
N TYR B 229 -3.08 5.94 -7.43
CA TYR B 229 -2.75 6.87 -6.35
C TYR B 229 -3.97 7.15 -5.47
N PHE B 230 -3.79 7.07 -4.15
CA PHE B 230 -4.88 7.33 -3.21
C PHE B 230 -4.54 8.49 -2.28
N GLY B 231 -5.52 8.94 -1.53
CA GLY B 231 -5.33 10.04 -0.59
C GLY B 231 -4.91 11.35 -1.23
N ASP B 232 -3.88 11.98 -0.66
CA ASP B 232 -3.42 13.29 -1.12
C ASP B 232 -2.40 13.20 -2.25
N LEU B 233 -2.17 11.99 -2.75
CA LEU B 233 -1.30 11.79 -3.91
C LEU B 233 -2.06 12.06 -5.21
N ILE B 234 -3.39 12.16 -5.10
CA ILE B 234 -4.21 12.48 -6.25
C ILE B 234 -4.01 13.94 -6.63
N ARG B 235 -3.88 14.20 -7.94
CA ARG B 235 -3.61 15.55 -8.44
C ARG B 235 -4.69 16.56 -8.05
N VAL C 29 -1.17 -12.70 45.00
CA VAL C 29 -0.83 -11.89 43.82
C VAL C 29 -1.52 -12.44 42.57
N PRO C 30 -2.64 -11.81 42.18
CA PRO C 30 -3.50 -12.27 41.08
C PRO C 30 -2.95 -11.99 39.69
N GLU C 31 -2.16 -10.93 39.53
CA GLU C 31 -1.62 -10.58 38.21
C GLU C 31 -0.56 -11.56 37.72
N LEU C 32 -0.17 -12.49 38.59
CA LEU C 32 0.77 -13.55 38.22
C LEU C 32 0.02 -14.81 37.82
N ALA C 33 -1.30 -14.75 37.86
CA ALA C 33 -2.13 -15.92 37.59
C ALA C 33 -1.81 -16.56 36.24
N LYS C 34 -1.84 -15.76 35.19
CA LYS C 34 -1.58 -16.29 33.86
C LYS C 34 -0.16 -16.82 33.71
N TYR C 35 0.80 -16.12 34.31
CA TYR C 35 2.19 -16.54 34.22
C TYR C 35 2.39 -17.88 34.92
N TRP C 36 1.90 -17.99 36.16
CA TRP C 36 1.98 -19.24 36.89
C TRP C 36 1.30 -20.37 36.13
N ALA C 37 0.16 -20.06 35.53
CA ALA C 37 -0.58 -21.03 34.73
C ALA C 37 0.30 -21.55 33.60
N GLN C 38 1.10 -20.66 33.01
CA GLN C 38 1.94 -21.01 31.88
C GLN C 38 3.38 -21.33 32.28
N ARG C 39 3.60 -21.60 33.57
CA ARG C 39 4.96 -21.75 34.10
C ARG C 39 5.82 -22.77 33.32
N TYR C 40 5.21 -23.83 32.81
CA TYR C 40 5.99 -24.86 32.10
C TYR C 40 6.41 -24.43 30.70
N ARG C 41 5.75 -23.40 30.18
CA ARG C 41 6.14 -22.80 28.91
C ARG C 41 7.28 -21.81 29.15
N LEU C 42 7.43 -21.38 30.39
CA LEU C 42 8.54 -20.50 30.76
C LEU C 42 9.79 -21.34 31.00
N PHE C 43 9.64 -22.38 31.82
CA PHE C 43 10.70 -23.36 32.02
C PHE C 43 10.09 -24.75 32.09
N SER C 44 10.43 -25.60 31.12
CA SER C 44 9.96 -26.98 31.13
C SER C 44 10.34 -27.68 32.43
N ARG C 45 11.46 -27.25 33.03
CA ARG C 45 11.95 -27.90 34.24
C ARG C 45 11.51 -27.17 35.49
N PHE C 46 10.44 -26.39 35.37
CA PHE C 46 10.00 -25.55 36.48
C PHE C 46 9.99 -26.26 37.83
N ASP C 47 9.51 -27.51 37.86
CA ASP C 47 9.31 -28.22 39.13
C ASP C 47 10.60 -28.75 39.76
N ASP C 48 11.71 -28.63 39.05
CA ASP C 48 12.99 -29.16 39.54
CA ASP C 48 12.97 -29.17 39.55
C ASP C 48 13.79 -28.11 40.30
N GLY C 49 13.16 -27.01 40.67
CA GLY C 49 13.83 -26.00 41.47
C GLY C 49 13.99 -24.62 40.86
N ILE C 50 13.25 -24.35 39.79
CA ILE C 50 13.30 -23.04 39.15
C ILE C 50 12.75 -21.96 40.09
N LYS C 51 13.44 -20.84 40.17
CA LYS C 51 13.00 -19.74 41.04
C LYS C 51 12.88 -18.45 40.26
N LEU C 52 11.84 -17.67 40.56
CA LEU C 52 11.68 -16.36 39.95
C LEU C 52 11.13 -15.37 40.96
N ASP C 53 11.49 -14.09 40.81
CA ASP C 53 10.80 -13.02 41.53
C ASP C 53 9.74 -12.42 40.60
N ARG C 54 9.10 -11.33 41.03
CA ARG C 54 7.96 -10.80 40.29
C ARG C 54 8.33 -10.31 38.90
N GLU C 55 9.36 -9.46 38.83
CA GLU C 55 9.85 -8.96 37.55
C GLU C 55 10.25 -10.14 36.66
N GLY C 56 10.87 -11.14 37.27
CA GLY C 56 11.30 -12.32 36.54
C GLY C 56 10.14 -13.04 35.87
N TRP C 57 9.04 -13.20 36.60
CA TRP C 57 7.84 -13.82 36.04
C TRP C 57 7.37 -13.07 34.80
N PHE C 58 7.31 -11.74 34.89
CA PHE C 58 6.81 -10.91 33.81
C PHE C 58 7.76 -10.81 32.64
N SER C 59 9.06 -10.97 32.89
CA SER C 59 10.07 -10.65 31.88
C SER C 59 10.73 -11.86 31.21
N VAL C 60 10.65 -13.03 31.85
CA VAL C 60 11.39 -14.18 31.35
C VAL C 60 10.90 -14.57 29.96
N THR C 61 11.85 -14.83 29.06
CA THR C 61 11.53 -15.28 27.72
C THR C 61 11.06 -16.74 27.79
N PRO C 62 9.88 -17.03 27.21
CA PRO C 62 9.39 -18.41 27.17
C PRO C 62 10.40 -19.34 26.51
N GLU C 63 10.52 -20.57 27.02
CA GLU C 63 11.57 -21.47 26.59
C GLU C 63 11.62 -21.78 25.11
N LYS C 64 10.48 -21.99 24.47
CA LYS C 64 10.46 -22.29 23.05
C LYS C 64 11.05 -21.15 22.25
N ILE C 65 10.71 -19.92 22.63
CA ILE C 65 11.22 -18.74 21.95
C ILE C 65 12.71 -18.53 22.26
N ALA C 66 13.09 -18.68 23.52
CA ALA C 66 14.50 -18.60 23.90
C ALA C 66 15.33 -19.66 23.14
N GLU C 67 14.78 -20.86 22.98
CA GLU C 67 15.44 -21.92 22.21
C GLU C 67 15.66 -21.51 20.77
N HIS C 68 14.63 -20.92 20.18
CA HIS C 68 14.68 -20.53 18.78
C HIS C 68 15.74 -19.47 18.55
N ILE C 69 15.76 -18.45 19.40
CA ILE C 69 16.77 -17.40 19.29
C ILE C 69 18.18 -17.97 19.46
N ALA C 70 18.37 -18.82 20.47
CA ALA C 70 19.68 -19.44 20.69
C ALA C 70 20.12 -20.30 19.49
N GLY C 71 19.17 -21.02 18.91
CA GLY C 71 19.44 -21.84 17.74
C GLY C 71 19.89 -20.97 16.57
N ARG C 72 19.17 -19.88 16.32
CA ARG C 72 19.52 -18.96 15.25
C ARG C 72 20.91 -18.36 15.47
N VAL C 73 21.15 -17.87 16.68
CA VAL C 73 22.41 -17.24 17.00
C VAL C 73 23.59 -18.23 16.91
N SER C 74 23.42 -19.40 17.51
CA SER C 74 24.52 -20.36 17.63
C SER C 74 24.97 -20.91 16.27
N GLN C 75 24.12 -20.74 15.26
CA GLN C 75 24.41 -21.29 13.94
C GLN C 75 24.97 -20.23 13.00
N SER C 76 24.95 -18.98 13.47
CA SER C 76 25.57 -17.90 12.70
C SER C 76 27.08 -18.03 12.74
N PHE C 77 27.72 -17.72 11.60
CA PHE C 77 29.15 -17.92 11.42
C PHE C 77 30.01 -17.47 12.61
N LYS C 78 30.69 -18.43 13.23
CA LYS C 78 31.61 -18.14 14.33
C LYS C 78 31.04 -17.20 15.39
N CYS C 79 29.94 -17.63 16.01
CA CYS C 79 29.40 -16.93 17.16
C CYS C 79 29.62 -17.81 18.37
N ASP C 80 30.73 -17.57 19.06
CA ASP C 80 31.15 -18.40 20.18
C ASP C 80 30.89 -17.76 21.54
N VAL C 81 31.04 -16.45 21.61
CA VAL C 81 30.84 -15.76 22.88
C VAL C 81 29.68 -14.80 22.76
N VAL C 82 28.70 -14.92 23.64
CA VAL C 82 27.58 -13.98 23.62
C VAL C 82 27.39 -13.29 24.96
N VAL C 83 27.17 -11.98 24.89
CA VAL C 83 26.78 -11.22 26.06
C VAL C 83 25.27 -11.13 26.12
N ASP C 84 24.69 -11.67 27.19
CA ASP C 84 23.30 -11.44 27.55
C ASP C 84 23.30 -10.24 28.50
N ALA C 85 23.10 -9.05 27.94
CA ALA C 85 23.33 -7.78 28.64
C ALA C 85 22.34 -7.46 29.75
N PHE C 86 21.16 -8.08 29.70
CA PHE C 86 20.13 -7.91 30.72
C PHE C 86 19.55 -9.29 30.98
N CYS C 87 20.30 -10.13 31.70
CA CYS C 87 20.02 -11.56 31.68
C CYS C 87 18.83 -12.00 32.52
N GLY C 88 18.40 -11.16 33.46
CA GLY C 88 17.23 -11.49 34.26
C GLY C 88 17.40 -12.79 35.02
N VAL C 89 16.35 -13.62 35.01
CA VAL C 89 16.43 -14.90 35.70
C VAL C 89 16.96 -16.00 34.78
N GLY C 90 17.55 -15.61 33.66
CA GLY C 90 18.28 -16.54 32.81
C GLY C 90 17.56 -17.27 31.69
N GLY C 91 16.35 -16.86 31.35
CA GLY C 91 15.64 -17.49 30.24
C GLY C 91 16.49 -17.63 28.98
N ASN C 92 17.01 -16.53 28.48
CA ASN C 92 17.84 -16.59 27.28
C ASN C 92 19.25 -17.09 27.55
N THR C 93 19.80 -16.70 28.70
CA THR C 93 21.17 -17.07 29.07
C THR C 93 21.33 -18.58 29.01
N ILE C 94 20.41 -19.27 29.66
CA ILE C 94 20.44 -20.72 29.74
C ILE C 94 20.39 -21.37 28.36
N GLN C 95 19.47 -20.91 27.51
CA GLN C 95 19.37 -21.46 26.16
C GLN C 95 20.61 -21.21 25.30
N PHE C 96 21.23 -20.04 25.41
CA PHE C 96 22.52 -19.80 24.75
C PHE C 96 23.56 -20.78 25.24
N ALA C 97 23.66 -20.91 26.56
CA ALA C 97 24.65 -21.80 27.17
C ALA C 97 24.46 -23.24 26.71
N LEU C 98 23.21 -23.69 26.67
CA LEU C 98 22.91 -25.06 26.28
C LEU C 98 23.34 -25.40 24.85
N THR C 99 23.49 -24.39 23.99
CA THR C 99 23.98 -24.63 22.63
C THR C 99 25.51 -24.70 22.56
N GLY C 100 26.16 -24.58 23.70
CA GLY C 100 27.60 -24.66 23.75
C GLY C 100 28.31 -23.32 23.63
N MET C 101 27.55 -22.24 23.53
CA MET C 101 28.19 -20.92 23.47
C MET C 101 28.70 -20.52 24.85
N ARG C 102 29.75 -19.71 24.89
CA ARG C 102 30.19 -19.10 26.13
C ARG C 102 29.36 -17.85 26.37
N VAL C 103 28.66 -17.80 27.51
CA VAL C 103 27.75 -16.71 27.79
C VAL C 103 28.26 -15.79 28.90
N ILE C 104 28.36 -14.51 28.58
CA ILE C 104 28.59 -13.49 29.60
C ILE C 104 27.23 -12.90 29.99
N ALA C 105 26.74 -13.29 31.15
CA ALA C 105 25.38 -12.95 31.60
C ALA C 105 25.41 -11.82 32.60
N ILE C 106 24.79 -10.70 32.24
CA ILE C 106 24.90 -9.47 33.01
C ILE C 106 23.56 -9.01 33.57
N ASP C 107 23.53 -8.71 34.86
CA ASP C 107 22.35 -8.05 35.42
C ASP C 107 22.73 -7.10 36.54
N ILE C 108 22.05 -5.97 36.58
CA ILE C 108 22.38 -4.91 37.52
C ILE C 108 21.92 -5.28 38.94
N ASP C 109 21.03 -6.26 39.03
CA ASP C 109 20.43 -6.65 40.30
C ASP C 109 21.02 -7.98 40.78
N PRO C 110 21.69 -7.97 41.94
CA PRO C 110 22.35 -9.18 42.47
C PRO C 110 21.37 -10.33 42.67
N VAL C 111 20.13 -10.01 43.00
CA VAL C 111 19.11 -11.05 43.16
C VAL C 111 18.85 -11.80 41.84
N LYS C 112 18.87 -11.08 40.73
CA LYS C 112 18.67 -11.70 39.42
C LYS C 112 19.82 -12.67 39.11
N ILE C 113 21.04 -12.20 39.36
CA ILE C 113 22.22 -13.03 39.18
C ILE C 113 22.12 -14.34 39.97
N ALA C 114 21.66 -14.23 41.21
CA ALA C 114 21.47 -15.41 42.07
C ALA C 114 20.39 -16.34 41.52
N LEU C 115 19.28 -15.76 41.08
CA LEU C 115 18.19 -16.55 40.49
C LEU C 115 18.64 -17.23 39.20
N ALA C 116 19.37 -16.49 38.35
CA ALA C 116 19.83 -17.02 37.08
C ALA C 116 20.78 -18.19 37.29
N ARG C 117 21.71 -18.04 38.24
CA ARG C 117 22.62 -19.14 38.56
C ARG C 117 21.83 -20.35 39.05
N ASN C 118 20.84 -20.10 39.93
CA ASN C 118 20.00 -21.17 40.43
C ASN C 118 19.35 -21.93 39.28
N ASN C 119 18.72 -21.17 38.39
CA ASN C 119 18.02 -21.74 37.25
C ASN C 119 18.95 -22.45 36.28
N ALA C 120 20.12 -21.87 36.02
CA ALA C 120 21.12 -22.51 35.17
C ALA C 120 21.56 -23.87 35.73
N GLU C 121 21.57 -23.99 37.06
CA GLU C 121 21.91 -25.26 37.70
C GLU C 121 20.84 -26.32 37.43
N VAL C 122 19.58 -25.92 37.45
CA VAL C 122 18.51 -26.84 37.11
C VAL C 122 18.73 -27.43 35.71
N TYR C 123 19.31 -26.63 34.81
CA TYR C 123 19.56 -27.07 33.44
C TYR C 123 21.00 -27.58 33.24
N GLY C 124 21.72 -27.79 34.34
CA GLY C 124 23.06 -28.35 34.30
C GLY C 124 24.14 -27.62 33.49
N ILE C 125 24.03 -26.30 33.32
CA ILE C 125 25.06 -25.56 32.58
C ILE C 125 25.54 -24.29 33.26
N ALA C 126 25.32 -24.15 34.57
CA ALA C 126 25.75 -22.93 35.25
C ALA C 126 27.26 -22.72 35.17
N ASP C 127 28.01 -23.82 35.07
CA ASP C 127 29.47 -23.71 35.05
C ASP C 127 30.02 -23.24 33.70
N LYS C 128 29.13 -23.07 32.73
CA LYS C 128 29.53 -22.57 31.41
C LYS C 128 29.20 -21.08 31.27
N ILE C 129 28.67 -20.50 32.33
CA ILE C 129 28.21 -19.11 32.28
C ILE C 129 29.08 -18.22 33.14
N GLU C 130 29.50 -17.10 32.57
CA GLU C 130 30.20 -16.08 33.34
C GLU C 130 29.24 -14.97 33.74
N PHE C 131 28.80 -15.00 35.00
CA PHE C 131 27.87 -14.01 35.52
C PHE C 131 28.57 -12.71 35.94
N ILE C 132 27.99 -11.57 35.57
CA ILE C 132 28.50 -10.28 36.03
C ILE C 132 27.36 -9.45 36.61
N CYS C 133 27.48 -9.07 37.88
CA CYS C 133 26.53 -8.13 38.46
C CYS C 133 27.02 -6.71 38.27
N GLY C 134 26.33 -5.95 37.44
CA GLY C 134 26.69 -4.59 37.16
C GLY C 134 25.78 -3.95 36.13
N ASP C 135 26.07 -2.70 35.79
CA ASP C 135 25.26 -1.93 34.85
C ASP C 135 25.82 -2.11 33.45
N PHE C 136 25.05 -2.75 32.56
CA PHE C 136 25.51 -2.97 31.19
C PHE C 136 26.07 -1.71 30.56
N LEU C 137 25.42 -0.57 30.79
CA LEU C 137 25.86 0.69 30.20
CA LEU C 137 25.88 0.66 30.17
C LEU C 137 27.27 1.04 30.65
N LEU C 138 27.63 0.60 31.86
CA LEU C 138 28.93 0.94 32.40
C LEU C 138 29.94 -0.18 32.20
N LEU C 139 29.48 -1.32 31.69
CA LEU C 139 30.33 -2.48 31.45
C LEU C 139 30.73 -2.63 29.98
N ALA C 140 29.85 -2.17 29.09
CA ALA C 140 29.94 -2.49 27.67
C ALA C 140 31.27 -2.12 27.03
N SER C 141 31.82 -0.98 27.41
CA SER C 141 33.07 -0.49 26.83
C SER C 141 34.29 -1.34 27.21
N PHE C 142 34.09 -2.33 28.07
CA PHE C 142 35.19 -3.14 28.58
C PHE C 142 35.00 -4.64 28.29
N LEU C 143 34.02 -4.94 27.45
CA LEU C 143 33.69 -6.31 27.11
C LEU C 143 34.10 -6.68 25.68
N LYS C 144 34.31 -7.97 25.47
CA LYS C 144 34.59 -8.50 24.14
C LYS C 144 33.66 -9.68 23.89
N ALA C 145 33.03 -9.72 22.72
CA ALA C 145 32.09 -10.80 22.39
C ALA C 145 31.78 -10.83 20.91
N ASP C 146 31.20 -11.93 20.45
CA ASP C 146 30.84 -12.07 19.04
C ASP C 146 29.43 -11.54 18.83
N VAL C 147 28.59 -11.69 19.85
CA VAL C 147 27.18 -11.33 19.76
C VAL C 147 26.76 -10.62 21.04
N VAL C 148 25.89 -9.62 20.92
CA VAL C 148 25.26 -9.05 22.09
C VAL C 148 23.75 -9.25 21.97
N PHE C 149 23.16 -9.84 22.98
CA PHE C 149 21.73 -10.04 23.03
C PHE C 149 21.09 -9.09 24.04
N LEU C 150 20.05 -8.38 23.61
CA LEU C 150 19.47 -7.30 24.39
C LEU C 150 18.00 -7.55 24.71
N SER C 151 17.69 -7.75 25.99
CA SER C 151 16.32 -7.92 26.45
C SER C 151 16.04 -7.05 27.67
N PRO C 152 16.09 -5.73 27.49
CA PRO C 152 16.05 -4.76 28.59
C PRO C 152 14.66 -4.66 29.22
N PRO C 153 14.55 -3.97 30.36
CA PRO C 153 13.24 -3.76 30.98
C PRO C 153 12.39 -2.92 30.03
N TRP C 154 11.14 -3.34 29.83
CA TRP C 154 10.21 -2.61 28.95
C TRP C 154 9.31 -1.67 29.75
N GLY C 155 9.20 -1.91 31.06
CA GLY C 155 8.34 -1.11 31.90
C GLY C 155 7.13 -1.89 32.38
N GLY C 156 7.34 -3.18 32.62
CA GLY C 156 6.28 -4.04 33.13
C GLY C 156 5.20 -4.31 32.10
N PRO C 157 4.23 -5.17 32.46
CA PRO C 157 3.11 -5.55 31.58
C PRO C 157 2.39 -4.34 31.01
N ASP C 158 2.58 -3.18 31.63
CA ASP C 158 1.91 -1.94 31.20
C ASP C 158 2.47 -1.38 29.90
N TYR C 159 3.62 -1.89 29.49
CA TYR C 159 4.23 -1.47 28.23
C TYR C 159 3.20 -1.52 27.11
N ALA C 160 2.32 -2.52 27.19
CA ALA C 160 1.34 -2.78 26.13
C ALA C 160 0.19 -1.78 26.10
N THR C 161 0.07 -0.97 27.15
CA THR C 161 -0.99 0.02 27.24
C THR C 161 -0.89 1.05 26.11
N ALA C 162 0.30 1.17 25.53
CA ALA C 162 0.52 2.07 24.42
C ALA C 162 0.21 1.39 23.10
N GLU C 163 -0.28 2.17 22.14
CA GLU C 163 -0.54 1.67 20.79
C GLU C 163 0.77 1.22 20.18
N THR C 164 1.74 2.13 20.17
CA THR C 164 3.08 1.86 19.66
C THR C 164 4.14 2.09 20.74
N PHE C 165 4.93 1.06 21.03
CA PHE C 165 5.95 1.14 22.07
C PHE C 165 7.17 1.94 21.60
N ASP C 166 7.49 3.01 22.32
CA ASP C 166 8.60 3.87 21.95
C ASP C 166 9.86 3.42 22.68
N ILE C 167 10.85 2.91 21.93
CA ILE C 167 12.04 2.34 22.57
C ILE C 167 12.93 3.41 23.16
N ARG C 168 12.74 4.66 22.72
CA ARG C 168 13.49 5.78 23.23
C ARG C 168 12.92 6.27 24.58
N THR C 169 11.60 6.40 24.65
CA THR C 169 10.95 7.05 25.78
C THR C 169 10.30 6.08 26.77
N MET C 170 9.86 4.93 26.27
CA MET C 170 9.12 3.99 27.11
C MET C 170 9.99 2.86 27.64
N MET C 171 11.30 2.99 27.45
CA MET C 171 12.24 2.00 27.90
C MET C 171 13.36 2.67 28.69
N SER C 172 13.81 2.01 29.74
CA SER C 172 14.91 2.53 30.55
C SER C 172 15.86 1.41 30.94
N PRO C 173 17.14 1.53 30.57
CA PRO C 173 17.71 2.68 29.88
C PRO C 173 17.17 2.86 28.46
N ASP C 174 17.37 4.05 27.92
CA ASP C 174 17.04 4.40 26.54
C ASP C 174 17.50 3.33 25.54
N GLY C 175 16.57 2.82 24.75
CA GLY C 175 16.85 1.78 23.79
C GLY C 175 17.96 2.08 22.79
N PHE C 176 18.06 3.33 22.33
CA PHE C 176 19.12 3.73 21.40
C PHE C 176 20.50 3.77 22.05
N GLU C 177 20.53 4.15 23.33
CA GLU C 177 21.78 4.22 24.07
C GLU C 177 22.34 2.82 24.27
N ILE C 178 21.45 1.92 24.70
CA ILE C 178 21.80 0.51 24.83
C ILE C 178 22.42 -0.02 23.54
N PHE C 179 21.81 0.32 22.41
CA PHE C 179 22.32 -0.14 21.12
C PHE C 179 23.68 0.49 20.82
N ARG C 180 23.85 1.77 21.14
CA ARG C 180 25.10 2.44 20.84
C ARG C 180 26.26 1.77 21.59
N LEU C 181 26.03 1.47 22.86
CA LEU C 181 27.05 0.80 23.66
C LEU C 181 27.33 -0.62 23.17
N SER C 182 26.28 -1.32 22.75
CA SER C 182 26.42 -2.67 22.21
C SER C 182 27.30 -2.66 20.96
N LYS C 183 27.18 -1.60 20.17
CA LYS C 183 27.95 -1.47 18.94
C LYS C 183 29.45 -1.38 19.19
N LYS C 184 29.84 -0.96 20.38
CA LYS C 184 31.25 -0.91 20.74
C LYS C 184 31.84 -2.31 20.82
N ILE C 185 31.00 -3.28 21.13
CA ILE C 185 31.42 -4.66 21.25
C ILE C 185 31.38 -5.41 19.91
N THR C 186 30.28 -5.24 19.18
CA THR C 186 30.07 -6.01 17.96
C THR C 186 28.95 -5.42 17.11
N ASN C 187 28.97 -5.74 15.81
CA ASN C 187 27.86 -5.43 14.92
C ASN C 187 26.75 -6.48 14.98
N ASN C 188 27.08 -7.65 15.54
CA ASN C 188 26.12 -8.73 15.67
C ASN C 188 25.29 -8.58 16.94
N ILE C 189 24.14 -7.95 16.79
CA ILE C 189 23.28 -7.62 17.91
C ILE C 189 21.89 -8.21 17.71
N VAL C 190 21.33 -8.77 18.78
CA VAL C 190 19.97 -9.29 18.77
C VAL C 190 19.13 -8.47 19.74
N TYR C 191 18.01 -7.92 19.27
CA TYR C 191 17.18 -7.07 20.11
C TYR C 191 15.81 -7.71 20.35
N PHE C 192 15.54 -8.05 21.60
CA PHE C 192 14.25 -8.66 21.97
C PHE C 192 13.30 -7.57 22.44
N LEU C 193 12.20 -7.38 21.73
CA LEU C 193 11.37 -6.18 21.91
C LEU C 193 9.86 -6.49 21.95
N PRO C 194 9.06 -5.55 22.49
CA PRO C 194 7.62 -5.77 22.57
C PRO C 194 7.02 -5.93 21.18
N ARG C 195 5.93 -6.68 21.07
CA ARG C 195 5.27 -6.90 19.80
C ARG C 195 4.80 -5.60 19.14
N ASN C 196 4.58 -4.56 19.95
CA ASN C 196 4.12 -3.28 19.43
C ASN C 196 5.24 -2.25 19.26
N ALA C 197 6.48 -2.75 19.18
CA ALA C 197 7.63 -1.87 18.99
C ALA C 197 7.53 -0.98 17.74
N ASP C 198 7.85 0.30 17.91
CA ASP C 198 7.92 1.24 16.81
C ASP C 198 8.93 0.78 15.75
N ILE C 199 8.42 0.30 14.61
CA ILE C 199 9.29 -0.27 13.56
C ILE C 199 10.17 0.78 12.89
N ASP C 200 9.67 2.02 12.78
CA ASP C 200 10.50 3.12 12.31
C ASP C 200 11.75 3.24 13.17
N GLN C 201 11.57 3.20 14.48
CA GLN C 201 12.70 3.29 15.40
C GLN C 201 13.66 2.12 15.26
N VAL C 202 13.12 0.91 15.25
CA VAL C 202 13.96 -0.28 15.09
C VAL C 202 14.79 -0.19 13.80
N ALA C 203 14.13 0.23 12.73
CA ALA C 203 14.80 0.36 11.43
C ALA C 203 15.89 1.43 11.45
N SER C 204 15.77 2.40 12.36
CA SER C 204 16.76 3.47 12.42
C SER C 204 18.03 3.06 13.18
N LEU C 205 17.92 2.01 14.00
CA LEU C 205 19.05 1.62 14.84
C LEU C 205 20.34 1.38 14.07
N ALA C 206 20.23 0.73 12.91
CA ALA C 206 21.41 0.45 12.09
C ALA C 206 21.96 1.69 11.36
N GLY C 207 21.29 2.82 11.50
CA GLY C 207 21.73 4.04 10.84
C GLY C 207 21.52 4.06 9.34
N PRO C 208 21.90 5.16 8.69
CA PRO C 208 21.70 5.35 7.25
C PRO C 208 22.28 4.20 6.42
N GLY C 209 21.47 3.65 5.53
CA GLY C 209 21.92 2.59 4.64
C GLY C 209 22.04 1.26 5.36
N GLY C 210 21.63 1.23 6.62
CA GLY C 210 21.73 0.01 7.40
C GLY C 210 20.64 -1.01 7.14
N GLN C 211 20.80 -2.20 7.73
CA GLN C 211 19.84 -3.28 7.56
C GLN C 211 19.52 -3.93 8.89
N VAL C 212 18.32 -4.47 8.98
CA VAL C 212 17.90 -5.22 10.14
C VAL C 212 16.93 -6.30 9.67
N GLU C 213 16.96 -7.47 10.30
CA GLU C 213 15.94 -8.47 10.04
C GLU C 213 15.03 -8.58 11.24
N ILE C 214 13.72 -8.47 11.01
CA ILE C 214 12.75 -8.46 12.09
C ILE C 214 11.84 -9.68 12.01
N GLU C 215 11.83 -10.48 13.07
CA GLU C 215 10.95 -11.64 13.12
C GLU C 215 9.93 -11.44 14.22
N GLN C 216 8.71 -11.90 13.97
CA GLN C 216 7.67 -11.91 14.97
C GLN C 216 7.69 -13.25 15.67
N ASN C 217 7.68 -13.23 17.01
CA ASN C 217 7.71 -14.46 17.80
C ASN C 217 6.33 -14.86 18.28
N PHE C 218 5.94 -16.09 17.99
CA PHE C 218 4.62 -16.58 18.35
C PHE C 218 4.69 -17.64 19.44
N LEU C 219 3.64 -17.68 20.26
CA LEU C 219 3.47 -18.76 21.23
C LEU C 219 2.02 -19.23 21.12
N ASN C 220 1.83 -20.51 20.81
CA ASN C 220 0.49 -21.03 20.57
C ASN C 220 -0.20 -20.25 19.47
N ASN C 221 0.51 -20.02 18.37
CA ASN C 221 -0.01 -19.28 17.23
C ASN C 221 -0.49 -17.87 17.61
N LYS C 222 0.06 -17.35 18.71
CA LYS C 222 -0.30 -16.02 19.19
C LYS C 222 0.92 -15.10 19.22
N LEU C 223 0.76 -13.90 18.68
CA LEU C 223 1.86 -12.94 18.64
C LEU C 223 2.32 -12.56 20.04
N LYS C 224 3.59 -12.83 20.33
CA LYS C 224 4.17 -12.54 21.64
C LYS C 224 5.07 -11.32 21.64
N THR C 225 6.10 -11.36 20.79
CA THR C 225 7.14 -10.35 20.79
C THR C 225 7.76 -10.30 19.42
N ILE C 226 8.71 -9.37 19.24
CA ILE C 226 9.54 -9.39 18.05
C ILE C 226 11.01 -9.55 18.44
N THR C 227 11.82 -10.02 17.50
CA THR C 227 13.26 -10.08 17.69
C THR C 227 13.90 -9.50 16.44
N ALA C 228 14.83 -8.58 16.64
CA ALA C 228 15.51 -7.91 15.55
C ALA C 228 16.95 -8.39 15.51
N TYR C 229 17.41 -8.80 14.34
CA TYR C 229 18.78 -9.29 14.17
C TYR C 229 19.56 -8.31 13.32
N PHE C 230 20.77 -7.99 13.77
CA PHE C 230 21.63 -7.04 13.07
C PHE C 230 22.96 -7.70 12.70
N GLY C 231 23.73 -7.03 11.86
CA GLY C 231 25.03 -7.54 11.45
C GLY C 231 24.96 -8.86 10.70
N ASP C 232 25.90 -9.76 11.00
CA ASP C 232 25.96 -11.07 10.34
C ASP C 232 24.94 -12.08 10.84
N LEU C 233 24.10 -11.66 11.80
CA LEU C 233 23.01 -12.52 12.27
C LEU C 233 21.86 -12.53 11.26
N ILE C 234 21.91 -11.62 10.29
CA ILE C 234 20.84 -11.49 9.31
C ILE C 234 20.86 -12.63 8.30
N ARG C 235 19.69 -12.92 7.73
CA ARG C 235 19.48 -14.03 6.80
C ARG C 235 19.01 -15.29 7.52
PA MGP D . -26.21 23.91 -25.65
O1A MGP D . -26.73 23.31 -26.82
O2A MGP D . -24.94 24.32 -25.73
O3A MGP D . -27.18 25.05 -25.15
O5' MGP D . -26.16 22.90 -24.71
PB MGP D . -28.65 25.48 -25.66
O1B MGP D . -29.25 24.27 -25.45
O2B MGP D . -28.73 26.52 -24.78
O3B MGP D . -28.25 25.80 -27.08
PC MGP D . -27.46 27.03 -28.02
O1C MGP D . -27.39 28.47 -27.56
O2C MGP D . -28.10 26.95 -29.43
O3C MGP D . -26.00 26.73 -28.33
C5' MGP D . -27.24 22.16 -24.27
C4' MGP D . -26.88 20.98 -23.35
O4' MGP D . -26.14 19.99 -23.99
C3' MGP D . -26.08 21.33 -22.07
O3' MGP D . -26.96 21.72 -21.14
C2' MGP D . -25.49 19.96 -21.74
O2' MGP D . -26.39 19.13 -21.12
C1' MGP D . -25.20 19.40 -23.10
N9 MGP D . -23.86 19.50 -23.58
C8 MGP D . -23.30 20.50 -24.21
N7 MGP D . -22.08 20.19 -24.50
CM7 MGP D . -21.18 21.01 -25.17
C5 MGP D . -21.82 19.00 -24.10
C6 MGP D . -20.70 18.19 -24.16
O6 MGP D . -19.68 18.56 -24.68
N1 MGP D . -20.80 16.96 -23.63
C2 MGP D . -21.94 16.55 -23.01
N2 MGP D . -21.98 15.37 -22.50
N3 MGP D . -22.99 17.34 -22.94
C4 MGP D . -22.97 18.55 -23.49
N SAH E . -22.59 13.96 -17.99
CA SAH E . -21.72 14.86 -17.26
CB SAH E . -20.92 15.78 -18.19
CG SAH E . -19.71 15.16 -18.90
SD SAH E . -18.77 16.30 -19.92
C SAH E . -22.56 15.67 -16.21
O SAH E . -21.97 16.52 -15.59
OXT SAH E . -23.63 15.38 -15.96
C5' SAH E . -17.45 15.27 -20.59
C4' SAH E . -16.40 14.78 -19.58
O4' SAH E . -15.56 13.84 -20.07
C3' SAH E . -15.56 15.97 -19.17
O3' SAH E . -15.78 16.29 -17.83
C2' SAH E . -14.12 15.48 -19.42
O2' SAH E . -13.21 15.89 -18.48
C1' SAH E . -14.31 13.99 -19.40
N9 SAH E . -13.34 13.25 -20.20
C8 SAH E . -12.75 13.66 -21.29
N7 SAH E . -12.03 12.69 -21.78
C5 SAH E . -12.18 11.65 -21.03
C6 SAH E . -11.68 10.36 -21.02
N6 SAH E . -10.87 9.97 -21.95
N1 SAH E . -12.04 9.52 -20.06
C2 SAH E . -12.84 9.92 -19.13
N3 SAH E . -13.32 11.12 -19.11
C4 SAH E . -13.02 12.01 -20.01
C1 PGR F . -28.02 25.84 -21.29
C2 PGR F . -28.31 24.59 -20.44
C3 PGR F . -29.41 24.91 -19.41
O1 PGR F . -29.21 26.35 -21.82
O2 PGR F . -28.74 23.55 -21.28
C1 PGR G . -23.99 10.26 1.87
C2 PGR G . -23.33 11.65 1.84
C3 PGR G . -21.89 11.54 2.40
O1 PGR G . -23.28 9.46 0.97
O2 PGR G . -23.26 12.04 0.49
PA MGP H . 5.45 -8.47 -18.15
O1A MGP H . 4.09 -8.21 -18.34
O2A MGP H . 5.75 -9.73 -17.67
O3A MGP H . 6.32 -8.18 -19.53
O5' MGP H . 5.90 -7.50 -17.01
PB MGP H . 5.85 -7.50 -20.92
O1B MGP H . 5.57 -6.28 -20.32
O2B MGP H . 7.05 -7.75 -21.61
O3B MGP H . 4.85 -8.57 -20.79
PC MGP H . 4.82 -9.88 -21.66
O1C MGP H . 6.08 -10.71 -21.49
O2C MGP H . 4.56 -9.31 -23.16
O3C MGP H . 3.53 -10.81 -21.41
C5' MGP H . 6.07 -6.15 -17.18
C4' MGP H . 6.44 -5.40 -15.90
O4' MGP H . 5.57 -5.65 -14.87
C3' MGP H . 7.79 -5.88 -15.42
O3' MGP H . 8.75 -5.17 -16.08
C2' MGP H . 7.71 -5.46 -13.98
O2' MGP H . 7.94 -4.11 -13.88
C1' MGP H . 6.24 -5.68 -13.64
N9 MGP H . 5.96 -6.87 -12.91
C8 MGP H . 5.83 -8.06 -13.44
N7 MGP H . 5.57 -8.90 -12.49
CM7 MGP H . 5.38 -10.26 -12.70
C5 MGP H . 5.51 -8.30 -11.34
C6 MGP H . 5.26 -8.71 -10.05
O6 MGP H . 5.04 -9.86 -9.75
N1 MGP H . 5.27 -7.75 -9.09
C2 MGP H . 5.52 -6.44 -9.44
N2 MGP H . 5.53 -5.53 -8.54
N3 MGP H . 5.78 -6.09 -10.66
C4 MGP H . 5.74 -6.99 -11.63
N SAH I . 9.23 -2.84 -6.88
CA SAH I . 10.32 -3.77 -6.75
CB SAH I . 9.84 -5.18 -7.13
CG SAH I . 8.92 -5.82 -6.09
SD SAH I . 8.52 -7.56 -6.38
C SAH I . 11.49 -3.33 -7.63
O SAH I . 12.48 -4.02 -7.56
OXT SAH I . 11.47 -2.37 -8.24
C5' SAH I . 7.64 -8.11 -4.91
C4' SAH I . 8.46 -8.39 -3.61
O4' SAH I . 7.69 -8.78 -2.52
C3' SAH I . 9.38 -9.58 -3.83
O3' SAH I . 10.67 -9.11 -3.93
C2' SAH I . 9.13 -10.47 -2.63
O2' SAH I . 10.26 -10.97 -2.08
C1' SAH I . 8.49 -9.51 -1.69
N9 SAH I . 7.54 -9.99 -0.70
C8 SAH I . 6.76 -11.02 -0.76
N7 SAH I . 6.02 -11.08 0.32
C5 SAH I . 6.32 -10.09 1.08
C6 SAH I . 5.90 -9.61 2.32
N6 SAH I . 5.00 -10.21 3.04
N1 SAH I . 6.45 -8.53 2.82
C2 SAH I . 7.36 -7.94 2.13
N3 SAH I . 7.77 -8.34 0.97
C4 SAH I . 7.29 -9.40 0.41
C1 PGR J . 10.14 -6.94 -19.93
C2 PGR J . 10.39 -5.72 -19.02
C3 PGR J . 11.38 -4.74 -19.69
O1 PGR J . 9.46 -6.56 -21.11
O2 PGR J . 9.18 -5.06 -18.78
PA MGP K . 2.83 -10.02 27.85
O1A MGP K . 2.88 -8.67 27.53
O2A MGP K . 2.32 -10.44 29.07
O3A MGP K . 2.01 -10.77 26.80
O5' MGP K . 4.28 -10.48 27.74
PB MGP K . 0.83 -11.68 26.87
O1B MGP K . 1.35 -12.17 25.64
O2B MGP K . 1.20 -12.20 28.10
O3B MGP K . 0.15 -10.42 26.84
PC MGP K . -1.40 -10.55 26.97
O1C MGP K . -1.81 -9.80 28.17
O2C MGP K . -1.92 -12.06 26.95
O3C MGP K . -2.06 -9.98 25.63
C5' MGP K . 4.75 -11.41 26.86
C4' MGP K . 6.30 -11.66 26.97
O4' MGP K . 6.94 -10.49 26.80
C3' MGP K . 6.70 -12.04 28.36
O3' MGP K . 6.50 -13.38 28.53
C2' MGP K . 8.18 -11.76 28.36
O2' MGP K . 8.86 -12.72 27.61
C1' MGP K . 8.17 -10.47 27.58
N9 MGP K . 8.32 -9.32 28.41
C8 MGP K . 7.37 -8.69 29.04
N7 MGP K . 7.90 -7.65 29.66
CM7 MGP K . 7.19 -6.69 30.50
C5 MGP K . 9.19 -7.62 29.44
C6 MGP K . 10.21 -6.79 29.86
O6 MGP K . 10.04 -5.83 30.57
N1 MGP K . 11.46 -7.06 29.40
C2 MGP K . 11.70 -8.11 28.60
N2 MGP K . 12.90 -8.32 28.21
N3 MGP K . 10.71 -8.90 28.26
C4 MGP K . 9.45 -8.69 28.64
N SAH L . 15.64 -12.17 29.20
CA SAH L . 15.62 -12.30 30.66
CB SAH L . 14.65 -11.25 31.28
CG SAH L . 15.25 -9.85 31.12
SD SAH L . 14.34 -8.69 32.22
C SAH L . 15.08 -13.70 30.99
O SAH L . 14.97 -14.04 32.12
OXT SAH L . 14.75 -14.54 29.93
C5' SAH L . 15.26 -7.13 32.25
C4' SAH L . 16.47 -7.31 33.22
O4' SAH L . 17.36 -6.17 33.06
C3' SAH L . 16.01 -7.28 34.70
O3' SAH L . 16.41 -8.46 35.35
C2' SAH L . 16.70 -6.09 35.32
O2' SAH L . 17.21 -6.41 36.59
C1' SAH L . 17.90 -5.91 34.39
N9 SAH L . 18.39 -4.55 34.33
C8 SAH L . 17.64 -3.27 34.50
N7 SAH L . 18.62 -2.17 34.19
C5 SAH L . 19.94 -2.79 33.85
C6 SAH L . 21.29 -2.18 33.44
N6 SAH L . 21.45 -0.74 33.34
N1 SAH L . 22.42 -3.08 33.15
C2 SAH L . 22.26 -4.57 33.23
N3 SAH L . 20.91 -5.18 33.63
C4 SAH L . 19.79 -4.27 33.92
C1 PGR M . 2.59 -14.63 29.66
C2 PGR M . 3.89 -15.35 29.28
C3 PGR M . 3.64 -16.86 29.15
O1 PGR M . 1.54 -15.02 28.81
O2 PGR M . 4.37 -14.87 28.05
C1 PGO N . 24.79 -26.75 36.82
C2 PGO N . 26.13 -27.19 37.36
C3 PGO N . 26.19 -26.89 38.85
O1 PGO N . 24.84 -26.77 35.40
O2 PGO N . 27.12 -26.42 36.70
#